data_9ATV
#
_entry.id   9ATV
#
_cell.length_a   91.596
_cell.length_b   91.596
_cell.length_c   213.257
_cell.angle_alpha   90
_cell.angle_beta   90
_cell.angle_gamma   120
#
_symmetry.space_group_name_H-M   'P 32 2 1'
#
loop_
_entity.id
_entity.type
_entity.pdbx_description
1 polymer 'Nicotinamide N-methyltransferase'
2 non-polymer (8M)-8-{3-[(3S)-1-(2-cyclohexylethyl)piperidin-3-yl]-5-oxo-4,5-dihydro-1H-1,2,4-triazol-1-yl}quinolin-2(1H)-one
3 water water
#
_entity_poly.entity_id   1
_entity_poly.type   'polypeptide(L)'
_entity_poly.pdbx_seq_one_letter_code
;MGSSHHHHHHSSGLVPRGSMESGFTSKDTYLSHFNPRDYLEKYYKFGSRHSAESQILKHLLKNLFKIFCLDGVKGDLLID
IGSGPTIYQLLSACESFKEIVVTDYSDQNLQELEKWLKAAPAAFDWSPVVTYVCDLEGNRVKGPEKEEKLRQAVKQVLKC
DVTQSQPLGAVPLPPADCVLSTLCLDAACPDLPTYCRALRNLGSLLKPGGFLVIMDALKSSYYMIGEQKFSSLPLGREAV
EAAVKEAGYTIEWFEVISQSYSSTMANNEGLFSLVARKLSRPL
;
_entity_poly.pdbx_strand_id   A,B,C
#
loop_
_chem_comp.id
_chem_comp.type
_chem_comp.name
_chem_comp.formula
A1AF6 non-polymer (8M)-8-{3-[(3S)-1-(2-cyclohexylethyl)piperidin-3-yl]-5-oxo-4,5-dihydro-1H-1,2,4-triazol-1-yl}quinolin-2(1H)-one 'C24 H31 N5 O2'
#
# COMPACT_ATOMS: atom_id res chain seq x y z
N PRO A 16 21.61 -23.12 58.00
CA PRO A 16 20.21 -23.59 57.80
C PRO A 16 20.18 -24.71 56.76
N ARG A 17 19.05 -24.86 56.07
CA ARG A 17 18.86 -25.88 55.06
C ARG A 17 17.94 -25.34 53.96
N GLY A 18 18.39 -25.43 52.71
CA GLY A 18 17.66 -24.91 51.57
C GLY A 18 17.46 -23.40 51.67
N SER A 19 18.37 -22.73 52.38
CA SER A 19 18.25 -21.31 52.72
C SER A 19 19.08 -20.45 51.77
N MET A 20 19.59 -21.05 50.68
CA MET A 20 20.45 -20.35 49.74
C MET A 20 19.75 -20.28 48.38
N GLU A 21 20.08 -19.23 47.62
CA GLU A 21 19.68 -19.15 46.22
C GLU A 21 20.32 -20.32 45.49
N SER A 22 19.54 -21.01 44.66
CA SER A 22 20.05 -22.09 43.82
C SER A 22 21.23 -21.57 43.00
N GLY A 23 21.11 -20.34 42.50
CA GLY A 23 22.15 -19.71 41.71
C GLY A 23 21.76 -19.62 40.23
N PHE A 24 20.68 -20.32 39.86
CA PHE A 24 20.18 -20.31 38.50
C PHE A 24 19.44 -19.00 38.24
N THR A 25 19.40 -18.59 36.97
CA THR A 25 18.75 -17.37 36.54
C THR A 25 17.60 -17.75 35.59
N SER A 26 16.86 -16.73 35.16
CA SER A 26 15.74 -16.91 34.24
C SER A 26 16.21 -17.52 32.94
N LYS A 27 17.40 -17.09 32.47
CA LYS A 27 17.90 -17.52 31.18
C LYS A 27 18.37 -18.97 31.24
N ASP A 28 18.84 -19.40 32.42
CA ASP A 28 19.18 -20.80 32.63
C ASP A 28 17.91 -21.66 32.53
N THR A 29 16.87 -21.26 33.28
CA THR A 29 15.61 -21.98 33.30
C THR A 29 15.01 -21.99 31.89
N TYR A 30 15.07 -20.85 31.21
CA TYR A 30 14.55 -20.72 29.86
C TYR A 30 15.24 -21.71 28.92
N LEU A 31 16.58 -21.72 28.96
CA LEU A 31 17.34 -22.53 28.02
C LEU A 31 17.03 -24.02 28.20
N SER A 32 16.82 -24.44 29.46
CA SER A 32 16.72 -25.86 29.78
C SER A 32 15.27 -26.36 29.72
N HIS A 33 14.30 -25.45 29.90
CA HIS A 33 12.90 -25.85 30.05
C HIS A 33 12.05 -25.46 28.84
N PHE A 34 12.47 -24.45 28.06
CA PHE A 34 11.64 -23.93 26.98
C PHE A 34 11.61 -24.91 25.82
N ASN A 35 10.40 -25.37 25.48
CA ASN A 35 10.18 -26.40 24.47
C ASN A 35 9.63 -25.75 23.20
N PRO A 36 10.41 -25.67 22.10
CA PRO A 36 9.95 -24.99 20.88
C PRO A 36 8.67 -25.58 20.29
N ARG A 37 8.60 -26.92 20.18
CA ARG A 37 7.49 -27.56 19.50
C ARG A 37 6.18 -27.39 20.28
N ASP A 38 6.26 -27.37 21.62
CA ASP A 38 5.10 -27.14 22.46
C ASP A 38 4.59 -25.71 22.28
N TYR A 39 5.51 -24.74 22.37
CA TYR A 39 5.18 -23.34 22.25
C TYR A 39 4.41 -23.11 20.95
N LEU A 40 4.83 -23.78 19.87
CA LEU A 40 4.19 -23.67 18.57
C LEU A 40 2.81 -24.31 18.60
N GLU A 41 2.68 -25.47 19.27
CA GLU A 41 1.40 -26.13 19.40
C GLU A 41 0.39 -25.22 20.11
N LYS A 42 0.82 -24.58 21.20
CA LYS A 42 -0.10 -23.90 22.10
C LYS A 42 -0.42 -22.49 21.60
N TYR A 43 0.56 -21.79 21.01
CA TYR A 43 0.42 -20.37 20.72
C TYR A 43 0.15 -20.10 19.24
N TYR A 44 0.42 -21.06 18.35
CA TYR A 44 0.35 -20.79 16.92
C TYR A 44 -0.39 -21.90 16.16
N LYS A 45 -1.27 -22.64 16.84
CA LYS A 45 -2.22 -23.51 16.18
C LYS A 45 -3.60 -23.22 16.75
N PHE A 46 -4.50 -22.74 15.88
CA PHE A 46 -5.76 -22.16 16.32
C PHE A 46 -6.91 -23.09 15.96
N GLY A 47 -7.72 -23.43 16.98
CA GLY A 47 -8.96 -24.16 16.80
C GLY A 47 -10.12 -23.23 16.44
N SER A 48 -9.91 -21.93 16.69
CA SER A 48 -10.79 -20.87 16.24
C SER A 48 -9.95 -19.74 15.66
N ARG A 49 -10.54 -18.97 14.74
CA ARG A 49 -9.88 -17.81 14.16
C ARG A 49 -10.32 -16.55 14.90
N HIS A 50 -11.18 -16.74 15.92
CA HIS A 50 -11.64 -15.67 16.79
C HIS A 50 -11.08 -15.85 18.20
N SER A 51 -10.17 -16.81 18.39
CA SER A 51 -9.51 -17.01 19.67
C SER A 51 -8.54 -15.86 19.93
N ALA A 52 -8.29 -15.59 21.22
CA ALA A 52 -7.49 -14.45 21.64
C ALA A 52 -6.11 -14.49 20.98
N GLU A 53 -5.52 -15.68 20.90
CA GLU A 53 -4.17 -15.86 20.37
C GLU A 53 -4.16 -15.56 18.88
N SER A 54 -5.23 -15.97 18.19
CA SER A 54 -5.35 -15.78 16.75
C SER A 54 -5.52 -14.31 16.41
N GLN A 55 -6.27 -13.59 17.26
CA GLN A 55 -6.55 -12.17 17.08
C GLN A 55 -5.27 -11.36 17.23
N ILE A 56 -4.49 -11.69 18.27
CA ILE A 56 -3.27 -11.00 18.58
C ILE A 56 -2.26 -11.20 17.45
N LEU A 57 -2.14 -12.44 16.96
CA LEU A 57 -1.23 -12.75 15.86
C LEU A 57 -1.56 -11.90 14.64
N LYS A 58 -2.87 -11.81 14.30
CA LYS A 58 -3.29 -11.06 13.13
C LYS A 58 -2.97 -9.58 13.30
N HIS A 59 -3.15 -9.07 14.52
CA HIS A 59 -2.85 -7.66 14.79
C HIS A 59 -1.36 -7.41 14.58
N LEU A 60 -0.51 -8.26 15.18
CA LEU A 60 0.94 -8.10 15.06
C LEU A 60 1.34 -8.12 13.59
N LEU A 61 0.72 -9.00 12.80
CA LEU A 61 1.03 -9.14 11.38
C LEU A 61 0.64 -7.87 10.62
N LYS A 62 -0.47 -7.23 11.00
CA LYS A 62 -0.92 -6.03 10.31
C LYS A 62 0.01 -4.85 10.59
N ASN A 63 0.48 -4.74 11.84
CA ASN A 63 1.42 -3.69 12.23
C ASN A 63 2.74 -3.88 11.50
N LEU A 64 3.21 -5.13 11.42
CA LEU A 64 4.46 -5.44 10.76
C LEU A 64 4.37 -5.10 9.28
N PHE A 65 3.21 -5.38 8.67
CA PHE A 65 2.95 -5.01 7.29
C PHE A 65 3.01 -3.50 7.13
N LYS A 66 2.38 -2.77 8.07
CA LYS A 66 2.34 -1.32 8.02
C LYS A 66 3.76 -0.75 8.10
N ILE A 67 4.59 -1.33 8.97
CA ILE A 67 5.90 -0.78 9.26
C ILE A 67 6.83 -0.98 8.06
N PHE A 68 6.89 -2.21 7.55
CA PHE A 68 7.88 -2.59 6.56
C PHE A 68 7.42 -2.26 5.15
N CYS A 69 6.09 -2.23 4.92
CA CYS A 69 5.56 -2.08 3.57
C CYS A 69 5.01 -0.67 3.33
N LEU A 70 4.31 -0.08 4.32
CA LEU A 70 3.67 1.21 4.14
C LEU A 70 4.57 2.33 4.66
N ASP A 71 5.05 2.18 5.91
CA ASP A 71 6.01 3.12 6.48
C ASP A 71 7.35 2.90 5.79
N GLY A 72 8.36 3.70 6.16
CA GLY A 72 9.60 3.75 5.39
C GLY A 72 10.69 2.80 5.89
N VAL A 73 10.32 1.77 6.68
CA VAL A 73 11.31 0.97 7.37
C VAL A 73 11.83 -0.12 6.42
N LYS A 74 13.02 0.13 5.86
CA LYS A 74 13.68 -0.82 4.98
C LYS A 74 15.18 -0.55 5.00
N GLY A 75 15.95 -1.46 4.38
CA GLY A 75 17.39 -1.33 4.34
C GLY A 75 18.08 -2.62 3.88
N ASP A 76 19.34 -2.79 4.28
CA ASP A 76 20.17 -3.89 3.82
C ASP A 76 20.12 -5.04 4.83
N LEU A 77 20.19 -4.73 6.13
CA LEU A 77 20.30 -5.75 7.15
C LEU A 77 19.30 -5.50 8.28
N LEU A 78 18.51 -6.55 8.59
CA LEU A 78 17.69 -6.57 9.78
C LEU A 78 18.20 -7.67 10.71
N ILE A 79 18.21 -7.40 12.02
CA ILE A 79 18.54 -8.38 13.03
C ILE A 79 17.30 -8.62 13.89
N ASP A 80 16.84 -9.88 13.94
CA ASP A 80 15.70 -10.24 14.76
C ASP A 80 16.21 -10.79 16.09
N ILE A 81 15.87 -10.09 17.18
CA ILE A 81 16.34 -10.43 18.52
C ILE A 81 15.26 -11.23 19.23
N GLY A 82 15.59 -12.48 19.58
CA GLY A 82 14.66 -13.37 20.24
C GLY A 82 13.58 -13.86 19.27
N SER A 83 14.03 -14.37 18.12
CA SER A 83 13.16 -14.93 17.09
C SER A 83 12.21 -15.97 17.67
N GLY A 84 12.69 -16.73 18.66
CA GLY A 84 12.01 -17.94 19.10
C GLY A 84 12.02 -18.97 17.97
N PRO A 85 11.03 -19.88 17.89
CA PRO A 85 10.93 -20.82 16.79
C PRO A 85 10.01 -20.37 15.64
N THR A 86 9.68 -19.08 15.59
CA THR A 86 8.65 -18.59 14.67
C THR A 86 9.30 -17.79 13.55
N ILE A 87 8.55 -17.66 12.43
CA ILE A 87 9.00 -16.88 11.28
C ILE A 87 7.94 -15.85 10.87
N TYR A 88 6.83 -15.74 11.62
CA TYR A 88 5.72 -14.89 11.22
C TYR A 88 6.18 -13.43 11.23
N GLN A 89 7.10 -13.10 12.14
CA GLN A 89 7.52 -11.72 12.36
C GLN A 89 8.50 -11.26 11.28
N LEU A 90 8.80 -12.12 10.30
CA LEU A 90 9.79 -11.82 9.27
C LEU A 90 9.17 -11.77 7.88
N LEU A 91 7.88 -12.10 7.76
CA LEU A 91 7.29 -12.36 6.45
C LEU A 91 7.12 -11.07 5.66
N SER A 92 6.71 -9.98 6.33
CA SER A 92 6.64 -8.68 5.68
C SER A 92 8.04 -8.06 5.56
N ALA A 93 8.91 -8.39 6.52
CA ALA A 93 10.23 -7.78 6.62
C ALA A 93 11.11 -8.13 5.42
N CYS A 94 10.94 -9.35 4.89
CA CYS A 94 11.82 -9.84 3.83
C CYS A 94 11.55 -9.14 2.50
N GLU A 95 10.46 -8.36 2.43
CA GLU A 95 10.20 -7.52 1.27
C GLU A 95 11.06 -6.26 1.32
N SER A 96 11.53 -5.89 2.53
CA SER A 96 12.14 -4.60 2.76
C SER A 96 13.62 -4.71 3.14
N PHE A 97 14.12 -5.94 3.31
CA PHE A 97 15.48 -6.13 3.79
C PHE A 97 16.17 -7.21 2.95
N LYS A 98 17.34 -6.85 2.38
CA LYS A 98 18.17 -7.79 1.66
C LYS A 98 18.45 -9.00 2.54
N GLU A 99 18.98 -8.76 3.74
CA GLU A 99 19.49 -9.82 4.58
C GLU A 99 18.86 -9.74 5.97
N ILE A 100 18.65 -10.90 6.58
CA ILE A 100 18.03 -11.01 7.90
C ILE A 100 18.88 -11.95 8.75
N VAL A 101 19.09 -11.56 10.01
CA VAL A 101 19.76 -12.40 10.99
C VAL A 101 18.77 -12.75 12.09
N VAL A 102 18.60 -14.05 12.35
CA VAL A 102 17.68 -14.55 13.35
C VAL A 102 18.50 -15.03 14.55
N THR A 103 17.99 -14.76 15.76
CA THR A 103 18.74 -15.01 16.98
C THR A 103 17.78 -15.41 18.09
N ASP A 104 18.34 -16.15 19.07
CA ASP A 104 17.62 -16.52 20.28
C ASP A 104 18.63 -17.04 21.30
N TYR A 105 18.28 -17.00 22.59
CA TYR A 105 19.13 -17.54 23.63
C TYR A 105 19.05 -19.07 23.63
N SER A 106 17.92 -19.62 23.13
CA SER A 106 17.73 -21.06 23.05
C SER A 106 18.17 -21.58 21.69
N ASP A 107 19.15 -22.49 21.68
CA ASP A 107 19.60 -23.16 20.47
C ASP A 107 18.49 -24.06 19.93
N GLN A 108 17.63 -24.57 20.83
CA GLN A 108 16.54 -25.43 20.44
C GLN A 108 15.54 -24.65 19.57
N ASN A 109 15.22 -23.43 19.98
CA ASN A 109 14.37 -22.55 19.18
C ASN A 109 14.94 -22.41 17.78
N LEU A 110 16.26 -22.18 17.70
CA LEU A 110 16.92 -21.91 16.44
C LEU A 110 16.96 -23.16 15.56
N GLN A 111 17.07 -24.34 16.19
CA GLN A 111 17.05 -25.60 15.45
C GLN A 111 15.68 -25.78 14.77
N GLU A 112 14.61 -25.49 15.51
CA GLU A 112 13.25 -25.64 15.03
C GLU A 112 12.99 -24.68 13.88
N LEU A 113 13.58 -23.48 13.98
CA LEU A 113 13.45 -22.45 12.96
C LEU A 113 14.21 -22.87 11.70
N GLU A 114 15.41 -23.41 11.91
CA GLU A 114 16.28 -23.89 10.85
C GLU A 114 15.60 -25.02 10.06
N LYS A 115 14.75 -25.80 10.74
CA LYS A 115 13.99 -26.85 10.08
C LYS A 115 13.08 -26.26 9.01
N TRP A 116 12.47 -25.10 9.30
CA TRP A 116 11.61 -24.45 8.32
C TRP A 116 12.45 -23.82 7.22
N LEU A 117 13.58 -23.19 7.59
CA LEU A 117 14.47 -22.57 6.63
C LEU A 117 14.93 -23.60 5.59
N LYS A 118 15.26 -24.81 6.06
CA LYS A 118 15.76 -25.87 5.19
C LYS A 118 14.60 -26.69 4.60
N ALA A 119 13.36 -26.34 4.99
CA ALA A 119 12.16 -26.95 4.44
C ALA A 119 12.13 -28.45 4.75
N ALA A 120 12.62 -28.82 5.94
CA ALA A 120 12.57 -30.19 6.40
C ALA A 120 11.10 -30.61 6.55
N PRO A 121 10.76 -31.92 6.43
CA PRO A 121 9.38 -32.34 6.41
C PRO A 121 8.70 -32.21 7.79
N ALA A 122 9.52 -32.20 8.85
CA ALA A 122 9.04 -32.09 10.21
C ALA A 122 8.83 -30.62 10.60
N ALA A 123 9.19 -29.69 9.71
CA ALA A 123 9.05 -28.26 9.98
C ALA A 123 7.59 -27.91 10.25
N PHE A 124 7.39 -26.78 10.94
CA PHE A 124 6.06 -26.30 11.27
C PHE A 124 5.38 -25.79 10.00
N ASP A 125 4.05 -25.88 9.95
CA ASP A 125 3.28 -25.43 8.81
C ASP A 125 2.89 -23.98 9.02
N TRP A 126 3.63 -23.06 8.37
CA TRP A 126 3.37 -21.64 8.47
C TRP A 126 2.49 -21.14 7.31
N SER A 127 2.04 -22.07 6.45
CA SER A 127 1.43 -21.70 5.18
C SER A 127 0.15 -20.87 5.38
N PRO A 128 -0.65 -21.05 6.45
CA PRO A 128 -1.82 -20.19 6.64
C PRO A 128 -1.46 -18.76 7.03
N VAL A 129 -0.38 -18.61 7.82
CA VAL A 129 0.14 -17.29 8.15
C VAL A 129 0.73 -16.65 6.90
N VAL A 130 1.40 -17.44 6.06
CA VAL A 130 1.99 -16.95 4.83
C VAL A 130 0.89 -16.39 3.93
N THR A 131 -0.20 -17.16 3.77
CA THR A 131 -1.31 -16.77 2.93
C THR A 131 -1.84 -15.41 3.36
N TYR A 132 -1.98 -15.25 4.68
CA TYR A 132 -2.58 -14.05 5.26
C TYR A 132 -1.74 -12.83 4.92
N VAL A 133 -0.41 -12.97 4.99
CA VAL A 133 0.50 -11.85 4.73
C VAL A 133 0.49 -11.53 3.24
N CYS A 134 0.40 -12.58 2.40
CA CYS A 134 0.30 -12.38 0.95
C CYS A 134 -0.97 -11.58 0.62
N ASP A 135 -2.04 -11.79 1.40
CA ASP A 135 -3.29 -11.07 1.23
C ASP A 135 -3.11 -9.59 1.59
N LEU A 136 -2.49 -9.32 2.75
CA LEU A 136 -2.23 -7.96 3.19
C LEU A 136 -1.45 -7.20 2.13
N GLU A 137 -0.49 -7.88 1.48
CA GLU A 137 0.42 -7.26 0.54
C GLU A 137 -0.21 -7.16 -0.86
N GLY A 138 -1.40 -7.75 -1.03
CA GLY A 138 -2.20 -7.55 -2.24
C GLY A 138 -1.93 -8.62 -3.30
N ASN A 139 -1.53 -9.82 -2.85
CA ASN A 139 -1.40 -10.99 -3.70
C ASN A 139 -0.56 -10.68 -4.94
N ARG A 140 0.61 -10.08 -4.72
CA ARG A 140 1.57 -9.87 -5.80
C ARG A 140 2.50 -11.07 -5.85
N VAL A 141 2.40 -11.97 -4.85
CA VAL A 141 3.05 -13.26 -4.87
C VAL A 141 2.15 -14.28 -4.15
N LYS A 142 2.33 -15.57 -4.49
CA LYS A 142 1.72 -16.66 -3.76
C LYS A 142 2.70 -17.15 -2.71
N GLY A 143 2.21 -18.02 -1.81
CA GLY A 143 2.96 -18.43 -0.63
C GLY A 143 4.34 -19.00 -0.96
N PRO A 144 4.43 -20.02 -1.85
CA PRO A 144 5.71 -20.62 -2.21
C PRO A 144 6.80 -19.59 -2.50
N GLU A 145 6.48 -18.57 -3.31
CA GLU A 145 7.43 -17.55 -3.70
C GLU A 145 7.82 -16.70 -2.49
N LYS A 146 6.85 -16.37 -1.64
CA LYS A 146 7.14 -15.57 -0.46
C LYS A 146 8.03 -16.35 0.50
N GLU A 147 7.70 -17.62 0.75
CA GLU A 147 8.47 -18.46 1.64
C GLU A 147 9.93 -18.52 1.20
N GLU A 148 10.17 -18.60 -0.11
CA GLU A 148 11.52 -18.70 -0.65
C GLU A 148 12.26 -17.38 -0.44
N LYS A 149 11.54 -16.26 -0.55
CA LYS A 149 12.14 -14.95 -0.39
C LYS A 149 12.68 -14.81 1.03
N LEU A 150 11.95 -15.35 2.01
CA LEU A 150 12.37 -15.34 3.40
C LEU A 150 13.57 -16.27 3.59
N ARG A 151 13.51 -17.46 2.96
CA ARG A 151 14.58 -18.45 3.08
C ARG A 151 15.90 -17.89 2.55
N GLN A 152 15.81 -17.14 1.43
CA GLN A 152 16.99 -16.52 0.82
C GLN A 152 17.47 -15.34 1.68
N ALA A 153 16.55 -14.69 2.39
CA ALA A 153 16.89 -13.48 3.14
C ALA A 153 17.69 -13.82 4.39
N VAL A 154 17.31 -14.90 5.09
CA VAL A 154 17.95 -15.26 6.35
C VAL A 154 19.36 -15.80 6.05
N LYS A 155 20.38 -15.13 6.61
CA LYS A 155 21.78 -15.42 6.29
C LYS A 155 22.49 -16.08 7.46
N GLN A 156 22.12 -15.74 8.70
CA GLN A 156 22.81 -16.21 9.87
C GLN A 156 21.80 -16.62 10.94
N VAL A 157 22.16 -17.64 11.72
CA VAL A 157 21.37 -18.10 12.85
C VAL A 157 22.31 -18.13 14.06
N LEU A 158 22.08 -17.21 15.00
CA LEU A 158 23.05 -16.89 16.03
C LEU A 158 22.40 -16.89 17.42
N LYS A 159 23.20 -17.24 18.43
CA LYS A 159 22.84 -16.98 19.80
C LYS A 159 22.78 -15.47 20.01
N CYS A 160 21.77 -15.01 20.73
CA CYS A 160 21.74 -13.65 21.28
C CYS A 160 21.65 -13.73 22.80
N ASP A 161 22.23 -12.74 23.47
CA ASP A 161 22.02 -12.55 24.90
C ASP A 161 21.92 -11.05 25.17
N VAL A 162 20.67 -10.57 25.27
CA VAL A 162 20.38 -9.15 25.33
C VAL A 162 20.94 -8.53 26.61
N THR A 163 21.26 -9.36 27.61
CA THR A 163 21.78 -8.86 28.88
C THR A 163 23.27 -8.50 28.76
N GLN A 164 23.95 -9.06 27.74
CA GLN A 164 25.36 -8.79 27.55
C GLN A 164 25.52 -7.52 26.71
N SER A 165 26.62 -6.79 26.95
CA SER A 165 26.89 -5.53 26.28
C SER A 165 27.18 -5.77 24.79
N GLN A 166 27.59 -7.00 24.44
CA GLN A 166 27.66 -7.42 23.05
C GLN A 166 26.73 -8.61 22.86
N PRO A 167 25.44 -8.37 22.50
CA PRO A 167 24.44 -9.43 22.48
C PRO A 167 24.75 -10.62 21.58
N LEU A 168 25.45 -10.36 20.45
CA LEU A 168 25.75 -11.41 19.49
C LEU A 168 27.24 -11.80 19.57
N GLY A 169 27.85 -11.61 20.74
CA GLY A 169 29.27 -11.89 20.92
C GLY A 169 30.14 -10.86 20.19
N ALA A 170 31.40 -11.24 19.92
CA ALA A 170 32.32 -10.40 19.18
C ALA A 170 32.31 -10.77 17.69
N VAL A 171 31.15 -11.24 17.21
CA VAL A 171 30.96 -11.62 15.82
C VAL A 171 31.14 -10.41 14.92
N PRO A 172 31.66 -10.60 13.67
CA PRO A 172 31.82 -9.51 12.72
C PRO A 172 30.55 -9.18 11.93
N LEU A 173 29.63 -8.45 12.56
CA LEU A 173 28.42 -8.02 11.86
C LEU A 173 28.48 -6.52 11.60
N PRO A 174 28.19 -6.07 10.35
CA PRO A 174 28.07 -4.65 10.06
C PRO A 174 26.86 -4.02 10.75
N PRO A 175 26.87 -2.68 11.00
CA PRO A 175 25.72 -2.01 11.59
C PRO A 175 24.44 -2.24 10.80
N ALA A 176 23.37 -2.60 11.52
CA ALA A 176 22.11 -2.98 10.89
C ALA A 176 21.20 -1.76 10.77
N ASP A 177 20.27 -1.82 9.81
CA ASP A 177 19.33 -0.75 9.55
C ASP A 177 18.13 -0.86 10.48
N CYS A 178 17.88 -2.06 11.01
CA CYS A 178 16.73 -2.30 11.86
C CYS A 178 17.01 -3.46 12.81
N VAL A 179 16.60 -3.28 14.07
CA VAL A 179 16.58 -4.36 15.05
C VAL A 179 15.13 -4.59 15.45
N LEU A 180 14.64 -5.81 15.18
CA LEU A 180 13.27 -6.22 15.50
C LEU A 180 13.31 -7.16 16.69
N SER A 181 12.29 -7.06 17.57
CA SER A 181 12.18 -7.95 18.70
C SER A 181 10.71 -8.08 19.11
N THR A 182 10.15 -9.28 18.90
CA THR A 182 8.74 -9.56 19.18
C THR A 182 8.64 -10.56 20.32
N LEU A 183 8.02 -10.15 21.43
CA LEU A 183 7.63 -11.03 22.53
C LEU A 183 8.88 -11.66 23.17
N CYS A 184 9.92 -10.85 23.38
CA CYS A 184 11.20 -11.35 23.85
C CYS A 184 11.65 -10.64 25.12
N LEU A 185 11.71 -9.30 25.07
CA LEU A 185 12.45 -8.53 26.05
C LEU A 185 11.85 -8.66 27.45
N ASP A 186 10.52 -8.73 27.54
CA ASP A 186 9.85 -8.96 28.81
C ASP A 186 10.34 -10.27 29.44
N ALA A 187 10.44 -11.32 28.62
CA ALA A 187 10.80 -12.65 29.11
C ALA A 187 12.29 -12.74 29.44
N ALA A 188 13.11 -11.87 28.84
CA ALA A 188 14.55 -11.99 28.91
C ALA A 188 15.13 -11.18 30.07
N CYS A 189 14.39 -10.18 30.57
CA CYS A 189 14.93 -9.22 31.51
C CYS A 189 14.26 -9.40 32.88
N PRO A 190 15.00 -9.78 33.95
CA PRO A 190 14.41 -10.00 35.26
C PRO A 190 14.11 -8.74 36.07
N ASP A 191 14.63 -7.59 35.63
CA ASP A 191 14.34 -6.32 36.30
C ASP A 191 14.45 -5.17 35.30
N LEU A 192 14.01 -3.98 35.72
CA LEU A 192 13.86 -2.82 34.85
C LEU A 192 15.24 -2.31 34.45
N PRO A 193 16.22 -2.19 35.37
CA PRO A 193 17.58 -1.83 35.00
C PRO A 193 18.17 -2.69 33.89
N THR A 194 17.91 -4.00 33.93
CA THR A 194 18.36 -4.92 32.90
C THR A 194 17.67 -4.57 31.58
N TYR A 195 16.37 -4.28 31.64
CA TYR A 195 15.58 -3.93 30.47
C TYR A 195 16.21 -2.72 29.77
N CYS A 196 16.53 -1.68 30.55
CA CYS A 196 17.10 -0.47 29.98
CA CYS A 196 17.12 -0.46 30.03
C CYS A 196 18.46 -0.79 29.36
N ARG A 197 19.28 -1.55 30.09
CA ARG A 197 20.62 -1.89 29.62
C ARG A 197 20.52 -2.68 28.31
N ALA A 198 19.57 -3.64 28.27
CA ALA A 198 19.37 -4.46 27.09
C ALA A 198 19.09 -3.60 25.87
N LEU A 199 18.22 -2.60 26.02
CA LEU A 199 17.86 -1.71 24.91
C LEU A 199 19.10 -0.96 24.42
N ARG A 200 19.98 -0.57 25.36
CA ARG A 200 21.20 0.14 25.01
C ARG A 200 22.17 -0.82 24.32
N ASN A 201 22.15 -2.09 24.74
CA ASN A 201 22.99 -3.13 24.17
C ASN A 201 22.57 -3.42 22.72
N LEU A 202 21.25 -3.43 22.48
CA LEU A 202 20.73 -3.66 21.14
C LEU A 202 21.16 -2.52 20.22
N GLY A 203 21.31 -1.31 20.78
CA GLY A 203 21.77 -0.15 20.04
C GLY A 203 23.13 -0.38 19.37
N SER A 204 24.00 -1.15 20.04
CA SER A 204 25.34 -1.42 19.54
C SER A 204 25.31 -2.16 18.20
N LEU A 205 24.17 -2.75 17.84
CA LEU A 205 24.02 -3.48 16.59
C LEU A 205 23.57 -2.55 15.46
N LEU A 206 23.06 -1.37 15.82
CA LEU A 206 22.34 -0.49 14.89
C LEU A 206 23.27 0.58 14.31
N LYS A 207 22.97 0.97 13.06
CA LYS A 207 23.46 2.22 12.50
C LYS A 207 22.87 3.38 13.27
N PRO A 208 23.48 4.59 13.22
CA PRO A 208 22.82 5.79 13.70
C PRO A 208 21.59 6.13 12.86
N GLY A 209 20.48 6.44 13.54
CA GLY A 209 19.21 6.68 12.87
C GLY A 209 18.52 5.39 12.45
N GLY A 210 19.04 4.24 12.93
CA GLY A 210 18.49 2.94 12.61
C GLY A 210 17.22 2.68 13.41
N PHE A 211 16.39 1.75 12.91
CA PHE A 211 15.07 1.52 13.47
C PHE A 211 15.12 0.45 14.55
N LEU A 212 14.45 0.72 15.68
CA LEU A 212 14.15 -0.29 16.68
C LEU A 212 12.64 -0.56 16.66
N VAL A 213 12.28 -1.84 16.49
CA VAL A 213 10.89 -2.24 16.43
C VAL A 213 10.64 -3.28 17.50
N ILE A 214 9.71 -2.99 18.42
CA ILE A 214 9.44 -3.83 19.57
C ILE A 214 7.93 -4.06 19.68
N MET A 215 7.55 -5.33 19.87
CA MET A 215 6.21 -5.70 20.26
C MET A 215 6.32 -6.66 21.44
N ASP A 216 5.50 -6.45 22.47
CA ASP A 216 5.64 -7.23 23.71
C ASP A 216 4.37 -7.06 24.54
N ALA A 217 4.27 -7.88 25.59
CA ALA A 217 3.13 -7.88 26.49
C ALA A 217 3.27 -6.77 27.54
N LEU A 218 2.12 -6.34 28.07
CA LEU A 218 2.06 -5.35 29.13
C LEU A 218 1.58 -6.03 30.41
N LYS A 219 2.22 -5.70 31.54
CA LYS A 219 1.82 -6.13 32.87
C LYS A 219 1.66 -7.65 32.92
N SER A 220 2.63 -8.36 32.35
CA SER A 220 2.65 -9.82 32.36
C SER A 220 3.82 -10.28 33.22
N SER A 221 3.52 -11.09 34.25
CA SER A 221 4.53 -11.56 35.18
C SER A 221 4.88 -13.03 34.92
N TYR A 222 4.11 -13.70 34.05
CA TYR A 222 4.38 -15.09 33.74
C TYR A 222 3.81 -15.44 32.35
N TYR A 223 4.38 -16.48 31.73
CA TYR A 223 3.77 -17.14 30.59
C TYR A 223 3.92 -18.64 30.77
N MET A 224 2.96 -19.41 30.22
CA MET A 224 2.89 -20.85 30.41
C MET A 224 3.05 -21.56 29.07
N ILE A 225 3.77 -22.70 29.09
CA ILE A 225 3.74 -23.65 27.99
C ILE A 225 3.35 -25.01 28.58
N GLY A 226 2.05 -25.28 28.59
CA GLY A 226 1.51 -26.43 29.31
C GLY A 226 1.56 -26.18 30.82
N GLU A 227 2.16 -27.13 31.56
CA GLU A 227 2.31 -27.01 33.00
C GLU A 227 3.56 -26.20 33.34
N GLN A 228 4.35 -25.85 32.31
CA GLN A 228 5.63 -25.20 32.51
C GLN A 228 5.45 -23.69 32.59
N LYS A 229 5.93 -23.08 33.67
CA LYS A 229 5.79 -21.66 33.92
C LYS A 229 7.13 -20.95 33.70
N PHE A 230 7.07 -19.75 33.12
CA PHE A 230 8.24 -18.91 32.95
C PHE A 230 7.97 -17.52 33.51
N SER A 231 9.02 -16.89 34.03
CA SER A 231 8.93 -15.54 34.57
C SER A 231 8.94 -14.52 33.45
N SER A 232 8.42 -13.34 33.78
CA SER A 232 8.26 -12.23 32.84
C SER A 232 8.27 -10.93 33.65
N LEU A 233 8.85 -9.87 33.09
CA LEU A 233 8.89 -8.58 33.77
C LEU A 233 7.61 -7.82 33.44
N PRO A 234 6.73 -7.55 34.44
CA PRO A 234 5.48 -6.88 34.19
C PRO A 234 5.63 -5.36 34.09
N LEU A 235 5.66 -4.85 32.86
CA LEU A 235 5.84 -3.42 32.62
C LEU A 235 4.55 -2.84 32.05
N GLY A 236 4.23 -1.61 32.49
CA GLY A 236 3.21 -0.79 31.86
C GLY A 236 3.83 0.11 30.79
N ARG A 237 2.98 0.84 30.05
CA ARG A 237 3.41 1.59 28.88
C ARG A 237 4.41 2.69 29.28
N GLU A 238 4.22 3.30 30.44
CA GLU A 238 5.02 4.44 30.85
C GLU A 238 6.45 4.00 31.10
N ALA A 239 6.59 2.83 31.73
CA ALA A 239 7.90 2.24 32.01
C ALA A 239 8.63 1.95 30.70
N VAL A 240 7.90 1.37 29.73
CA VAL A 240 8.47 1.00 28.44
C VAL A 240 8.97 2.26 27.74
N GLU A 241 8.09 3.27 27.63
CA GLU A 241 8.42 4.51 26.94
C GLU A 241 9.66 5.15 27.57
N ALA A 242 9.65 5.27 28.91
CA ALA A 242 10.74 5.91 29.63
C ALA A 242 12.06 5.19 29.37
N ALA A 243 12.02 3.85 29.42
CA ALA A 243 13.22 3.03 29.26
C ALA A 243 13.82 3.19 27.87
N VAL A 244 12.95 3.22 26.85
CA VAL A 244 13.38 3.33 25.46
C VAL A 244 14.03 4.70 25.23
N LYS A 245 13.44 5.76 25.78
CA LYS A 245 13.99 7.11 25.65
C LYS A 245 15.36 7.19 26.30
N GLU A 246 15.44 6.67 27.54
CA GLU A 246 16.64 6.74 28.36
C GLU A 246 17.79 5.92 27.73
N ALA A 247 17.46 5.00 26.82
CA ALA A 247 18.46 4.16 26.18
C ALA A 247 18.95 4.76 24.87
N GLY A 248 18.53 5.99 24.56
CA GLY A 248 19.05 6.74 23.42
C GLY A 248 18.24 6.51 22.15
N TYR A 249 16.92 6.31 22.30
CA TYR A 249 16.01 6.20 21.17
C TYR A 249 14.96 7.30 21.25
N THR A 250 14.44 7.69 20.08
CA THR A 250 13.30 8.57 20.00
C THR A 250 12.14 7.79 19.38
N ILE A 251 11.01 7.74 20.10
CA ILE A 251 9.88 6.93 19.70
C ILE A 251 9.08 7.67 18.64
N GLU A 252 8.84 7.01 17.51
CA GLU A 252 8.06 7.60 16.42
C GLU A 252 6.58 7.36 16.67
N TRP A 253 6.21 6.13 17.07
CA TRP A 253 4.84 5.86 17.50
C TRP A 253 4.78 4.67 18.46
N PHE A 254 3.70 4.62 19.23
CA PHE A 254 3.51 3.64 20.29
C PHE A 254 2.04 3.26 20.35
N GLU A 255 1.74 1.98 20.08
CA GLU A 255 0.37 1.49 20.06
C GLU A 255 0.16 0.49 21.19
N VAL A 256 -1.01 0.57 21.84
CA VAL A 256 -1.44 -0.40 22.83
C VAL A 256 -2.73 -1.06 22.33
N ILE A 257 -2.83 -2.39 22.46
CA ILE A 257 -4.08 -3.09 22.25
C ILE A 257 -4.52 -3.71 23.59
N SER A 258 -5.84 -3.76 23.81
CA SER A 258 -6.41 -4.26 25.06
C SER A 258 -6.40 -5.78 25.08
N GLN A 259 -6.46 -6.38 23.89
CA GLN A 259 -6.59 -7.82 23.71
C GLN A 259 -5.47 -8.54 24.47
N SER A 260 -5.86 -9.37 25.45
CA SER A 260 -4.92 -10.12 26.27
C SER A 260 -4.97 -11.59 25.90
N TYR A 261 -3.91 -12.33 26.27
CA TYR A 261 -3.89 -13.77 26.10
C TYR A 261 -4.86 -14.41 27.09
N SER A 262 -5.25 -15.66 26.79
CA SER A 262 -6.03 -16.44 27.73
C SER A 262 -5.26 -16.57 29.03
N SER A 263 -5.99 -16.50 30.16
CA SER A 263 -5.41 -16.55 31.49
C SER A 263 -4.54 -17.79 31.66
N THR A 264 -4.82 -18.84 30.89
CA THR A 264 -4.11 -20.10 30.97
C THR A 264 -2.73 -20.01 30.31
N MET A 265 -2.41 -18.86 29.71
CA MET A 265 -1.13 -18.68 29.03
C MET A 265 -0.35 -17.52 29.63
N ALA A 266 -1.00 -16.35 29.74
CA ALA A 266 -0.38 -15.19 30.37
C ALA A 266 -1.42 -14.35 31.08
N ASN A 267 -0.93 -13.46 31.95
CA ASN A 267 -1.77 -12.56 32.74
C ASN A 267 -1.52 -11.13 32.30
N ASN A 268 -1.31 -10.95 30.99
CA ASN A 268 -0.99 -9.65 30.43
C ASN A 268 -2.25 -8.79 30.39
N GLU A 269 -2.06 -7.47 30.46
CA GLU A 269 -3.11 -6.50 30.20
C GLU A 269 -2.78 -5.79 28.89
N GLY A 270 -2.94 -6.53 27.79
CA GLY A 270 -2.73 -6.00 26.45
C GLY A 270 -1.29 -6.17 25.98
N LEU A 271 -1.04 -5.74 24.74
CA LEU A 271 0.31 -5.71 24.17
C LEU A 271 0.59 -4.29 23.68
N PHE A 272 1.86 -4.02 23.38
CA PHE A 272 2.25 -2.76 22.76
C PHE A 272 3.06 -3.04 21.48
N SER A 273 3.09 -2.04 20.61
CA SER A 273 3.98 -2.00 19.46
C SER A 273 4.58 -0.61 19.38
N LEU A 274 5.87 -0.51 19.05
CA LEU A 274 6.51 0.79 18.86
C LEU A 274 7.55 0.71 17.76
N VAL A 275 7.78 1.86 17.11
CA VAL A 275 8.91 2.05 16.21
C VAL A 275 9.69 3.26 16.73
N ALA A 276 10.99 3.05 17.01
CA ALA A 276 11.86 4.12 17.49
C ALA A 276 13.08 4.22 16.59
N ARG A 277 13.87 5.27 16.80
CA ARG A 277 15.10 5.50 16.04
C ARG A 277 16.24 5.82 17.00
N LYS A 278 17.43 5.27 16.69
CA LYS A 278 18.62 5.46 17.50
C LYS A 278 19.14 6.88 17.33
N LEU A 279 19.07 7.67 18.39
CA LEU A 279 19.67 9.01 18.42
C LEU A 279 21.16 8.88 18.68
N SER A 280 21.54 7.87 19.46
CA SER A 280 22.93 7.61 19.81
C SER A 280 23.79 7.55 18.55
N ARG A 281 24.91 8.30 18.57
CA ARG A 281 25.86 8.31 17.47
C ARG A 281 27.28 8.24 18.02
N PRO A 282 27.66 7.15 18.75
CA PRO A 282 29.01 7.02 19.28
C PRO A 282 30.07 7.26 18.20
N LEU A 283 31.02 8.15 18.48
CA LEU A 283 31.87 8.71 17.44
C LEU A 283 32.82 7.62 16.92
N ARG B 17 10.18 36.98 -41.84
CA ARG B 17 10.95 35.77 -42.24
C ARG B 17 10.36 35.21 -43.54
N GLY B 18 11.21 34.64 -44.39
CA GLY B 18 10.79 34.04 -45.64
C GLY B 18 10.13 32.67 -45.41
N SER B 19 10.60 31.94 -44.40
CA SER B 19 10.05 30.64 -44.05
C SER B 19 10.28 30.34 -42.57
N MET B 20 9.35 29.59 -41.98
CA MET B 20 9.37 29.22 -40.58
C MET B 20 8.96 27.76 -40.44
N GLU B 21 8.92 27.24 -39.20
CA GLU B 21 8.46 25.88 -38.95
C GLU B 21 6.96 25.80 -39.17
N SER B 22 6.53 24.80 -39.96
CA SER B 22 5.13 24.62 -40.32
C SER B 22 4.27 24.53 -39.06
N GLY B 23 4.74 23.79 -38.05
CA GLY B 23 4.10 23.76 -36.75
C GLY B 23 3.39 22.44 -36.46
N PHE B 24 3.31 21.57 -37.47
CA PHE B 24 2.70 20.26 -37.30
C PHE B 24 3.69 19.32 -36.61
N THR B 25 3.15 18.39 -35.82
CA THR B 25 3.95 17.40 -35.12
C THR B 25 3.98 16.11 -35.93
N SER B 26 4.72 15.11 -35.42
CA SER B 26 4.82 13.80 -36.04
C SER B 26 3.48 13.08 -35.94
N LYS B 27 2.76 13.29 -34.83
CA LYS B 27 1.49 12.63 -34.59
C LYS B 27 0.40 13.25 -35.47
N ASP B 28 0.54 14.53 -35.83
CA ASP B 28 -0.35 15.16 -36.79
C ASP B 28 -0.15 14.48 -38.15
N THR B 29 1.11 14.35 -38.57
CA THR B 29 1.46 13.71 -39.82
C THR B 29 0.91 12.29 -39.85
N TYR B 30 1.13 11.55 -38.76
CA TYR B 30 0.69 10.16 -38.67
C TYR B 30 -0.82 10.08 -38.89
N LEU B 31 -1.57 10.82 -38.08
CA LEU B 31 -3.03 10.80 -38.16
C LEU B 31 -3.48 11.18 -39.56
N SER B 32 -2.83 12.20 -40.14
CA SER B 32 -3.18 12.73 -41.44
C SER B 32 -2.92 11.72 -42.54
N HIS B 33 -1.78 11.03 -42.49
CA HIS B 33 -1.21 10.39 -43.67
C HIS B 33 -1.13 8.86 -43.58
N PHE B 34 -1.35 8.27 -42.39
CA PHE B 34 -1.13 6.85 -42.23
C PHE B 34 -2.32 6.07 -42.83
N ASN B 35 -2.04 5.29 -43.88
CA ASN B 35 -3.06 4.50 -44.56
C ASN B 35 -3.08 3.09 -43.98
N PRO B 36 -4.16 2.68 -43.27
CA PRO B 36 -4.19 1.36 -42.63
C PRO B 36 -4.03 0.19 -43.59
N ARG B 37 -4.66 0.29 -44.77
CA ARG B 37 -4.74 -0.83 -45.69
C ARG B 37 -3.45 -0.98 -46.49
N ASP B 38 -2.75 0.12 -46.76
CA ASP B 38 -1.43 0.05 -47.36
C ASP B 38 -0.49 -0.72 -46.43
N TYR B 39 -0.52 -0.38 -45.14
CA TYR B 39 0.33 -1.02 -44.14
C TYR B 39 0.03 -2.52 -44.10
N LEU B 40 -1.26 -2.88 -44.06
CA LEU B 40 -1.65 -4.29 -44.01
C LEU B 40 -1.19 -5.01 -45.27
N GLU B 41 -1.36 -4.35 -46.42
CA GLU B 41 -1.01 -4.93 -47.71
C GLU B 41 0.50 -5.20 -47.78
N LYS B 42 1.30 -4.22 -47.34
CA LYS B 42 2.73 -4.24 -47.60
C LYS B 42 3.49 -5.01 -46.52
N TYR B 43 2.88 -5.19 -45.33
CA TYR B 43 3.60 -5.74 -44.19
C TYR B 43 3.08 -7.11 -43.76
N TYR B 44 1.79 -7.41 -43.98
CA TYR B 44 1.19 -8.58 -43.36
C TYR B 44 0.45 -9.47 -44.36
N LYS B 45 0.84 -9.44 -45.64
CA LYS B 45 0.41 -10.47 -46.57
C LYS B 45 1.38 -11.65 -46.44
N PHE B 46 0.95 -12.64 -45.65
CA PHE B 46 1.80 -13.72 -45.18
C PHE B 46 1.70 -14.90 -46.14
N GLY B 47 2.19 -14.71 -47.37
CA GLY B 47 2.08 -15.72 -48.41
C GLY B 47 3.23 -16.74 -48.33
N SER B 48 3.49 -17.40 -49.47
CA SER B 48 4.50 -18.44 -49.55
C SER B 48 5.89 -17.86 -49.84
N ARG B 49 5.92 -16.59 -50.25
CA ARG B 49 7.19 -15.90 -50.48
C ARG B 49 7.90 -15.65 -49.15
N HIS B 50 9.17 -16.06 -49.08
CA HIS B 50 10.05 -15.66 -48.00
C HIS B 50 10.24 -14.15 -48.08
N SER B 51 10.18 -13.48 -46.94
CA SER B 51 10.49 -12.06 -46.87
C SER B 51 10.89 -11.69 -45.45
N ALA B 52 11.66 -10.60 -45.32
CA ALA B 52 12.04 -10.07 -44.03
C ALA B 52 10.78 -9.81 -43.18
N GLU B 53 9.72 -9.34 -43.84
CA GLU B 53 8.49 -8.96 -43.17
C GLU B 53 7.79 -10.19 -42.60
N SER B 54 7.71 -11.26 -43.40
CA SER B 54 7.13 -12.52 -42.96
C SER B 54 7.96 -13.17 -41.86
N GLN B 55 9.30 -13.07 -41.98
CA GLN B 55 10.21 -13.66 -41.02
C GLN B 55 10.05 -13.00 -39.65
N ILE B 56 9.91 -11.66 -39.65
CA ILE B 56 9.74 -10.90 -38.43
C ILE B 56 8.39 -11.25 -37.81
N LEU B 57 7.34 -11.33 -38.63
CA LEU B 57 6.01 -11.67 -38.14
C LEU B 57 6.05 -13.05 -37.48
N LYS B 58 6.71 -14.01 -38.15
CA LYS B 58 6.89 -15.34 -37.60
C LYS B 58 7.47 -15.26 -36.21
N HIS B 59 8.52 -14.45 -36.03
CA HIS B 59 9.22 -14.36 -34.76
C HIS B 59 8.31 -13.76 -33.68
N LEU B 60 7.56 -12.70 -34.04
CA LEU B 60 6.74 -11.99 -33.08
C LEU B 60 5.64 -12.90 -32.54
N LEU B 61 5.07 -13.73 -33.42
CA LEU B 61 4.01 -14.65 -33.04
C LEU B 61 4.53 -15.69 -32.06
N LYS B 62 5.74 -16.21 -32.30
CA LYS B 62 6.33 -17.23 -31.46
C LYS B 62 6.62 -16.67 -30.07
N ASN B 63 7.10 -15.41 -30.02
CA ASN B 63 7.41 -14.75 -28.76
C ASN B 63 6.13 -14.49 -27.96
N LEU B 64 5.08 -14.02 -28.66
CA LEU B 64 3.80 -13.76 -28.01
C LEU B 64 3.21 -15.06 -27.49
N PHE B 65 3.39 -16.16 -28.25
CA PHE B 65 2.95 -17.47 -27.83
C PHE B 65 3.72 -17.89 -26.58
N LYS B 66 5.03 -17.63 -26.56
CA LYS B 66 5.87 -17.95 -25.42
C LYS B 66 5.40 -17.16 -24.19
N ILE B 67 5.17 -15.86 -24.37
CA ILE B 67 4.87 -14.96 -23.26
C ILE B 67 3.51 -15.32 -22.65
N PHE B 68 2.49 -15.49 -23.50
CA PHE B 68 1.11 -15.56 -23.02
C PHE B 68 0.71 -17.01 -22.70
N CYS B 69 1.23 -18.00 -23.43
CA CYS B 69 0.74 -19.36 -23.32
C CYS B 69 1.66 -20.25 -22.48
N LEU B 70 2.98 -20.09 -22.60
CA LEU B 70 3.92 -20.90 -21.85
C LEU B 70 4.23 -20.22 -20.51
N ASP B 71 4.69 -18.97 -20.59
CA ASP B 71 4.92 -18.15 -19.41
C ASP B 71 3.58 -17.79 -18.79
N GLY B 72 3.59 -17.56 -17.47
CA GLY B 72 2.36 -17.23 -16.75
C GLY B 72 2.01 -15.75 -16.85
N VAL B 73 1.85 -15.25 -18.08
CA VAL B 73 1.30 -13.93 -18.31
C VAL B 73 -0.15 -14.09 -18.71
N LYS B 74 -1.02 -14.13 -17.70
CA LYS B 74 -2.46 -14.23 -17.87
C LYS B 74 -3.12 -13.25 -16.90
N GLY B 75 -4.37 -12.91 -17.15
CA GLY B 75 -5.04 -11.93 -16.30
C GLY B 75 -6.45 -11.62 -16.77
N ASP B 76 -7.04 -10.57 -16.16
CA ASP B 76 -8.40 -10.16 -16.44
C ASP B 76 -8.42 -9.24 -17.65
N LEU B 77 -7.63 -8.16 -17.60
CA LEU B 77 -7.67 -7.11 -18.60
C LEU B 77 -6.30 -6.93 -19.23
N LEU B 78 -6.28 -6.81 -20.57
CA LEU B 78 -5.08 -6.44 -21.31
C LEU B 78 -5.39 -5.21 -22.17
N ILE B 79 -4.46 -4.25 -22.17
CA ILE B 79 -4.58 -3.03 -22.96
C ILE B 79 -3.47 -3.04 -24.02
N ASP B 80 -3.87 -3.10 -25.29
CA ASP B 80 -2.94 -3.03 -26.41
C ASP B 80 -2.80 -1.57 -26.84
N ILE B 81 -1.57 -1.04 -26.75
CA ILE B 81 -1.28 0.33 -27.14
C ILE B 81 -0.66 0.31 -28.54
N GLY B 82 -1.21 1.12 -29.44
CA GLY B 82 -0.73 1.20 -30.80
C GLY B 82 -1.07 -0.08 -31.58
N SER B 83 -2.28 -0.59 -31.36
CA SER B 83 -2.78 -1.77 -32.04
C SER B 83 -2.58 -1.64 -33.55
N GLY B 84 -2.78 -0.41 -34.05
CA GLY B 84 -2.85 -0.18 -35.48
C GLY B 84 -4.09 -0.87 -36.04
N PRO B 85 -4.06 -1.32 -37.31
CA PRO B 85 -5.15 -2.09 -37.89
C PRO B 85 -4.98 -3.61 -37.75
N THR B 86 -4.11 -4.06 -36.84
CA THR B 86 -3.66 -5.45 -36.84
C THR B 86 -4.21 -6.19 -35.63
N ILE B 87 -4.33 -7.52 -35.78
CA ILE B 87 -4.85 -8.39 -34.73
C ILE B 87 -3.86 -9.53 -34.45
N TYR B 88 -2.67 -9.49 -35.07
CA TYR B 88 -1.69 -10.58 -34.94
C TYR B 88 -1.19 -10.65 -33.50
N GLN B 89 -1.07 -9.47 -32.86
CA GLN B 89 -0.47 -9.36 -31.54
C GLN B 89 -1.44 -9.84 -30.45
N LEU B 90 -2.66 -10.24 -30.83
CA LEU B 90 -3.72 -10.51 -29.87
C LEU B 90 -4.18 -11.97 -29.91
N LEU B 91 -3.67 -12.75 -30.87
CA LEU B 91 -4.20 -14.08 -31.14
C LEU B 91 -3.83 -15.05 -30.02
N SER B 92 -2.61 -14.93 -29.48
CA SER B 92 -2.20 -15.75 -28.35
C SER B 92 -2.68 -15.13 -27.03
N ALA B 93 -2.78 -13.79 -27.00
CA ALA B 93 -3.14 -13.06 -25.80
C ALA B 93 -4.59 -13.36 -25.38
N CYS B 94 -5.46 -13.66 -26.35
CA CYS B 94 -6.88 -13.84 -26.09
C CYS B 94 -7.14 -15.16 -25.37
N GLU B 95 -6.17 -16.10 -25.43
CA GLU B 95 -6.26 -17.34 -24.67
C GLU B 95 -6.02 -17.08 -23.18
N SER B 96 -5.35 -15.97 -22.86
CA SER B 96 -4.82 -15.73 -21.53
C SER B 96 -5.50 -14.55 -20.83
N PHE B 97 -6.34 -13.80 -21.54
CA PHE B 97 -7.00 -12.62 -20.98
C PHE B 97 -8.48 -12.66 -21.31
N LYS B 98 -9.32 -12.40 -20.30
CA LYS B 98 -10.76 -12.44 -20.47
C LYS B 98 -11.21 -11.23 -21.30
N GLU B 99 -10.59 -10.07 -21.06
CA GLU B 99 -10.95 -8.84 -21.75
C GLU B 99 -9.71 -8.22 -22.38
N ILE B 100 -9.89 -7.65 -23.59
CA ILE B 100 -8.84 -6.95 -24.32
C ILE B 100 -9.37 -5.59 -24.76
N VAL B 101 -8.55 -4.54 -24.61
CA VAL B 101 -8.84 -3.23 -25.16
C VAL B 101 -7.77 -2.89 -26.19
N VAL B 102 -8.21 -2.45 -27.38
CA VAL B 102 -7.31 -2.07 -28.46
C VAL B 102 -7.36 -0.56 -28.62
N THR B 103 -6.21 0.05 -28.98
CA THR B 103 -6.10 1.49 -29.04
C THR B 103 -5.12 1.89 -30.15
N ASP B 104 -5.26 3.14 -30.60
CA ASP B 104 -4.35 3.74 -31.56
C ASP B 104 -4.63 5.25 -31.61
N TYR B 105 -3.66 6.02 -32.10
CA TYR B 105 -3.84 7.47 -32.24
C TYR B 105 -4.55 7.76 -33.56
N SER B 106 -4.62 6.77 -34.46
CA SER B 106 -5.35 6.90 -35.71
C SER B 106 -6.74 6.28 -35.59
N ASP B 107 -7.76 7.06 -35.93
CA ASP B 107 -9.13 6.58 -35.97
C ASP B 107 -9.32 5.65 -37.18
N GLN B 108 -8.55 5.89 -38.25
CA GLN B 108 -8.68 5.08 -39.46
C GLN B 108 -8.20 3.66 -39.19
N ASN B 109 -7.08 3.54 -38.47
CA ASN B 109 -6.53 2.26 -38.05
C ASN B 109 -7.58 1.46 -37.30
N LEU B 110 -8.29 2.12 -36.36
CA LEU B 110 -9.24 1.45 -35.49
C LEU B 110 -10.49 1.07 -36.29
N GLN B 111 -10.87 1.90 -37.26
CA GLN B 111 -11.98 1.60 -38.16
C GLN B 111 -11.66 0.34 -38.98
N GLU B 112 -10.41 0.23 -39.44
CA GLU B 112 -9.97 -0.90 -40.24
C GLU B 112 -9.97 -2.17 -39.38
N LEU B 113 -9.62 -2.02 -38.10
CA LEU B 113 -9.63 -3.13 -37.16
C LEU B 113 -11.07 -3.55 -36.87
N GLU B 114 -11.96 -2.56 -36.78
CA GLU B 114 -13.34 -2.78 -36.36
C GLU B 114 -14.10 -3.56 -37.43
N LYS B 115 -13.66 -3.42 -38.69
CA LYS B 115 -14.21 -4.21 -39.79
C LYS B 115 -13.99 -5.70 -39.52
N TRP B 116 -12.77 -6.08 -39.12
CA TRP B 116 -12.45 -7.47 -38.86
C TRP B 116 -13.19 -7.96 -37.63
N LEU B 117 -13.29 -7.11 -36.60
CA LEU B 117 -13.98 -7.46 -35.37
C LEU B 117 -15.43 -7.84 -35.68
N LYS B 118 -16.06 -7.10 -36.62
CA LYS B 118 -17.43 -7.34 -37.00
C LYS B 118 -17.51 -8.28 -38.20
N ALA B 119 -16.34 -8.73 -38.68
CA ALA B 119 -16.24 -9.70 -39.76
C ALA B 119 -16.93 -9.18 -41.01
N ALA B 120 -16.71 -7.88 -41.31
CA ALA B 120 -17.26 -7.26 -42.51
C ALA B 120 -16.54 -7.82 -43.73
N PRO B 121 -17.23 -7.98 -44.89
CA PRO B 121 -16.62 -8.59 -46.07
C PRO B 121 -15.35 -7.89 -46.56
N ALA B 122 -15.26 -6.57 -46.35
CA ALA B 122 -14.16 -5.77 -46.85
C ALA B 122 -12.91 -5.90 -45.96
N ALA B 123 -13.02 -6.65 -44.85
CA ALA B 123 -11.94 -6.77 -43.88
C ALA B 123 -10.74 -7.50 -44.48
N PHE B 124 -9.60 -7.39 -43.80
CA PHE B 124 -8.36 -8.01 -44.23
C PHE B 124 -8.40 -9.49 -43.88
N ASP B 125 -7.84 -10.32 -44.77
CA ASP B 125 -7.78 -11.76 -44.56
C ASP B 125 -6.58 -12.08 -43.68
N TRP B 126 -6.84 -12.52 -42.44
CA TRP B 126 -5.81 -12.82 -41.46
C TRP B 126 -5.59 -14.33 -41.33
N SER B 127 -6.31 -15.13 -42.12
CA SER B 127 -6.41 -16.57 -41.87
C SER B 127 -5.06 -17.28 -42.03
N PRO B 128 -4.13 -16.85 -42.92
CA PRO B 128 -2.79 -17.41 -42.92
C PRO B 128 -2.07 -17.30 -41.58
N VAL B 129 -2.27 -16.15 -40.91
CA VAL B 129 -1.67 -15.88 -39.61
C VAL B 129 -2.40 -16.69 -38.53
N VAL B 130 -3.73 -16.79 -38.65
CA VAL B 130 -4.54 -17.50 -37.67
C VAL B 130 -4.16 -18.99 -37.68
N THR B 131 -3.93 -19.53 -38.88
CA THR B 131 -3.51 -20.92 -39.05
C THR B 131 -2.16 -21.14 -38.35
N TYR B 132 -1.23 -20.20 -38.55
CA TYR B 132 0.12 -20.31 -38.02
C TYR B 132 0.09 -20.36 -36.50
N VAL B 133 -0.75 -19.51 -35.89
CA VAL B 133 -0.86 -19.43 -34.45
C VAL B 133 -1.57 -20.67 -33.89
N CYS B 134 -2.48 -21.25 -34.70
CA CYS B 134 -3.15 -22.48 -34.31
C CYS B 134 -2.17 -23.65 -34.33
N ASP B 135 -1.14 -23.57 -35.20
CA ASP B 135 -0.13 -24.61 -35.29
C ASP B 135 0.82 -24.55 -34.08
N LEU B 136 1.24 -23.33 -33.71
CA LEU B 136 2.07 -23.12 -32.53
C LEU B 136 1.38 -23.73 -31.32
N GLU B 137 0.05 -23.59 -31.24
CA GLU B 137 -0.71 -23.94 -30.05
C GLU B 137 -1.08 -25.42 -30.05
N GLY B 138 -0.90 -26.12 -31.19
CA GLY B 138 -0.99 -27.56 -31.25
C GLY B 138 -2.17 -28.06 -32.07
N ASN B 139 -2.87 -27.15 -32.75
CA ASN B 139 -4.09 -27.47 -33.48
C ASN B 139 -5.13 -28.04 -32.52
N ARG B 140 -5.26 -27.41 -31.36
CA ARG B 140 -6.32 -27.74 -30.40
C ARG B 140 -7.64 -27.23 -30.95
N VAL B 141 -7.56 -26.17 -31.77
CA VAL B 141 -8.72 -25.50 -32.32
C VAL B 141 -8.43 -25.11 -33.76
N LYS B 142 -9.48 -24.97 -34.56
CA LYS B 142 -9.38 -24.51 -35.95
C LYS B 142 -9.64 -23.00 -35.99
N GLY B 143 -9.43 -22.40 -37.17
CA GLY B 143 -9.44 -20.95 -37.34
C GLY B 143 -10.68 -20.28 -36.76
N PRO B 144 -11.89 -20.60 -37.27
CA PRO B 144 -13.13 -19.99 -36.77
C PRO B 144 -13.23 -19.87 -35.25
N GLU B 145 -12.83 -20.92 -34.54
CA GLU B 145 -12.93 -20.95 -33.08
C GLU B 145 -12.00 -19.92 -32.46
N LYS B 146 -10.81 -19.75 -33.04
CA LYS B 146 -9.83 -18.79 -32.53
C LYS B 146 -10.28 -17.37 -32.82
N GLU B 147 -10.72 -17.11 -34.06
CA GLU B 147 -11.20 -15.80 -34.45
C GLU B 147 -12.37 -15.39 -33.56
N GLU B 148 -13.28 -16.35 -33.31
CA GLU B 148 -14.44 -16.13 -32.45
C GLU B 148 -14.00 -15.76 -31.03
N LYS B 149 -12.93 -16.41 -30.56
CA LYS B 149 -12.44 -16.19 -29.20
C LYS B 149 -11.89 -14.78 -29.05
N LEU B 150 -11.13 -14.32 -30.06
CA LEU B 150 -10.55 -12.99 -30.06
C LEU B 150 -11.65 -11.94 -30.17
N ARG B 151 -12.65 -12.20 -31.03
CA ARG B 151 -13.76 -11.29 -31.22
C ARG B 151 -14.50 -11.07 -29.90
N GLN B 152 -14.76 -12.16 -29.17
CA GLN B 152 -15.38 -12.12 -27.86
C GLN B 152 -14.55 -11.28 -26.89
N ALA B 153 -13.22 -11.41 -26.98
CA ALA B 153 -12.32 -10.85 -25.99
C ALA B 153 -12.24 -9.33 -26.09
N VAL B 154 -12.25 -8.78 -27.31
CA VAL B 154 -12.07 -7.36 -27.53
C VAL B 154 -13.34 -6.63 -27.10
N LYS B 155 -13.20 -5.76 -26.08
CA LYS B 155 -14.33 -5.11 -25.43
C LYS B 155 -14.42 -3.64 -25.78
N GLN B 156 -13.28 -2.99 -26.08
CA GLN B 156 -13.24 -1.55 -26.31
C GLN B 156 -12.26 -1.22 -27.43
N VAL B 157 -12.49 -0.06 -28.07
CA VAL B 157 -11.66 0.43 -29.15
C VAL B 157 -11.55 1.95 -28.99
N LEU B 158 -10.37 2.43 -28.57
CA LEU B 158 -10.25 3.80 -28.07
C LEU B 158 -9.03 4.49 -28.68
N LYS B 159 -9.06 5.82 -28.68
CA LYS B 159 -7.89 6.64 -28.94
C LYS B 159 -6.89 6.44 -27.80
N CYS B 160 -5.61 6.26 -28.16
CA CYS B 160 -4.52 6.39 -27.21
C CYS B 160 -3.62 7.53 -27.64
N ASP B 161 -2.99 8.20 -26.66
CA ASP B 161 -1.91 9.14 -26.90
C ASP B 161 -0.88 8.98 -25.80
N VAL B 162 0.20 8.26 -26.11
CA VAL B 162 1.18 7.86 -25.11
C VAL B 162 1.98 9.07 -24.61
N THR B 163 1.89 10.20 -25.33
CA THR B 163 2.61 11.40 -24.94
C THR B 163 1.89 12.11 -23.79
N GLN B 164 0.68 11.66 -23.45
CA GLN B 164 -0.14 12.33 -22.44
C GLN B 164 -0.13 11.52 -21.14
N SER B 165 -0.16 12.24 -20.01
CA SER B 165 -0.13 11.64 -18.69
C SER B 165 -1.22 10.60 -18.53
N GLN B 166 -2.41 10.89 -19.08
CA GLN B 166 -3.52 9.95 -19.11
C GLN B 166 -3.70 9.48 -20.56
N PRO B 167 -2.99 8.40 -20.99
CA PRO B 167 -2.91 8.05 -22.41
C PRO B 167 -4.25 7.74 -23.07
N LEU B 168 -5.19 7.16 -22.31
CA LEU B 168 -6.50 6.80 -22.83
C LEU B 168 -7.55 7.78 -22.33
N GLY B 169 -7.14 9.03 -22.05
CA GLY B 169 -8.03 10.03 -21.49
C GLY B 169 -8.49 9.63 -20.09
N ALA B 170 -9.76 9.91 -19.79
CA ALA B 170 -10.36 9.55 -18.51
C ALA B 170 -11.48 8.53 -18.72
N VAL B 171 -11.25 7.60 -19.66
CA VAL B 171 -12.17 6.51 -19.92
C VAL B 171 -12.20 5.60 -18.69
N PRO B 172 -13.38 5.12 -18.23
CA PRO B 172 -13.48 4.40 -16.97
C PRO B 172 -12.99 2.96 -17.03
N LEU B 173 -11.67 2.77 -17.21
CA LEU B 173 -11.06 1.45 -17.27
C LEU B 173 -10.33 1.15 -15.96
N PRO B 174 -10.44 -0.09 -15.42
CA PRO B 174 -9.67 -0.47 -14.25
C PRO B 174 -8.18 -0.62 -14.52
N PRO B 175 -7.32 -0.60 -13.47
CA PRO B 175 -5.93 -1.03 -13.60
C PRO B 175 -5.79 -2.41 -14.23
N ALA B 176 -5.02 -2.48 -15.32
CA ALA B 176 -4.91 -3.69 -16.12
C ALA B 176 -3.78 -4.58 -15.59
N ASP B 177 -3.83 -5.86 -15.99
CA ASP B 177 -2.82 -6.84 -15.63
C ASP B 177 -1.66 -6.80 -16.62
N CYS B 178 -1.93 -6.39 -17.86
CA CYS B 178 -0.91 -6.34 -18.90
C CYS B 178 -1.12 -5.12 -19.80
N VAL B 179 0.01 -4.48 -20.17
CA VAL B 179 0.04 -3.49 -21.22
C VAL B 179 0.97 -3.98 -22.32
N LEU B 180 0.44 -4.08 -23.54
CA LEU B 180 1.18 -4.58 -24.69
C LEU B 180 1.34 -3.43 -25.70
N SER B 181 2.55 -3.29 -26.25
CA SER B 181 2.81 -2.31 -27.29
C SER B 181 3.80 -2.87 -28.31
N THR B 182 3.27 -3.35 -29.45
CA THR B 182 4.10 -3.88 -30.52
C THR B 182 4.19 -2.85 -31.64
N LEU B 183 5.43 -2.42 -31.94
CA LEU B 183 5.75 -1.62 -33.11
C LEU B 183 5.05 -0.26 -33.05
N CYS B 184 5.13 0.41 -31.89
CA CYS B 184 4.40 1.66 -31.68
C CYS B 184 5.31 2.76 -31.10
N LEU B 185 5.97 2.46 -29.98
CA LEU B 185 6.57 3.50 -29.15
C LEU B 185 7.66 4.26 -29.89
N ASP B 186 8.44 3.56 -30.72
CA ASP B 186 9.47 4.19 -31.54
C ASP B 186 8.84 5.22 -32.49
N ALA B 187 7.67 4.87 -33.05
CA ALA B 187 6.99 5.72 -34.00
C ALA B 187 6.33 6.91 -33.28
N ALA B 188 5.89 6.68 -32.04
CA ALA B 188 5.05 7.63 -31.32
C ALA B 188 5.88 8.77 -30.73
N CYS B 189 7.08 8.45 -30.25
CA CYS B 189 7.85 9.39 -29.43
C CYS B 189 8.87 10.13 -30.29
N PRO B 190 8.79 11.48 -30.40
CA PRO B 190 9.72 12.23 -31.23
C PRO B 190 11.14 12.33 -30.65
N ASP B 191 11.27 12.21 -29.32
CA ASP B 191 12.57 12.29 -28.68
C ASP B 191 12.65 11.31 -27.51
N LEU B 192 13.86 11.15 -26.96
CA LEU B 192 14.16 10.17 -25.92
C LEU B 192 13.43 10.54 -24.63
N PRO B 193 13.49 11.81 -24.17
CA PRO B 193 12.72 12.23 -23.00
C PRO B 193 11.24 11.85 -23.05
N THR B 194 10.66 11.93 -24.26
CA THR B 194 9.26 11.59 -24.46
C THR B 194 9.07 10.08 -24.43
N TYR B 195 10.09 9.33 -24.88
CA TYR B 195 10.07 7.88 -24.79
C TYR B 195 9.97 7.49 -23.31
N CYS B 196 10.83 8.09 -22.47
CA CYS B 196 10.86 7.82 -21.05
CA CYS B 196 10.84 7.76 -21.05
C CYS B 196 9.52 8.16 -20.40
N ARG B 197 8.97 9.33 -20.78
CA ARG B 197 7.74 9.83 -20.21
C ARG B 197 6.56 8.95 -20.61
N ALA B 198 6.56 8.47 -21.86
CA ALA B 198 5.49 7.62 -22.38
C ALA B 198 5.42 6.30 -21.61
N LEU B 199 6.59 5.69 -21.38
CA LEU B 199 6.69 4.47 -20.61
C LEU B 199 6.08 4.68 -19.22
N ARG B 200 6.36 5.83 -18.61
CA ARG B 200 5.84 6.18 -17.30
C ARG B 200 4.33 6.40 -17.39
N ASN B 201 3.87 6.93 -18.52
CA ASN B 201 2.46 7.21 -18.74
C ASN B 201 1.67 5.91 -18.90
N LEU B 202 2.25 4.93 -19.61
CA LEU B 202 1.65 3.61 -19.75
C LEU B 202 1.51 2.97 -18.37
N GLY B 203 2.41 3.35 -17.45
CA GLY B 203 2.40 2.87 -16.08
C GLY B 203 1.09 3.15 -15.36
N SER B 204 0.43 4.26 -15.72
CA SER B 204 -0.81 4.65 -15.06
C SER B 204 -1.94 3.67 -15.39
N LEU B 205 -1.73 2.79 -16.38
CA LEU B 205 -2.72 1.81 -16.79
C LEU B 205 -2.57 0.49 -16.04
N LEU B 206 -1.38 0.26 -15.44
CA LEU B 206 -1.02 -1.03 -14.88
C LEU B 206 -1.20 -1.03 -13.36
N LYS B 207 -1.66 -2.17 -12.82
CA LYS B 207 -1.61 -2.42 -11.38
C LYS B 207 -0.18 -2.81 -11.01
N PRO B 208 0.26 -2.56 -9.76
CA PRO B 208 1.61 -2.94 -9.34
C PRO B 208 1.87 -4.43 -9.58
N GLY B 209 3.02 -4.73 -10.21
CA GLY B 209 3.37 -6.09 -10.58
C GLY B 209 2.73 -6.51 -11.91
N GLY B 210 2.02 -5.58 -12.57
CA GLY B 210 1.45 -5.84 -13.88
C GLY B 210 2.53 -5.93 -14.94
N PHE B 211 2.24 -6.63 -16.05
CA PHE B 211 3.24 -6.93 -17.06
C PHE B 211 3.23 -5.85 -18.13
N LEU B 212 4.43 -5.34 -18.45
CA LEU B 212 4.65 -4.52 -19.63
C LEU B 212 5.35 -5.36 -20.68
N VAL B 213 4.73 -5.48 -21.86
CA VAL B 213 5.26 -6.26 -22.97
C VAL B 213 5.47 -5.32 -24.15
N ILE B 214 6.72 -5.21 -24.63
CA ILE B 214 7.05 -4.33 -25.73
C ILE B 214 7.86 -5.10 -26.77
N MET B 215 7.51 -4.90 -28.04
CA MET B 215 8.31 -5.35 -29.17
C MET B 215 8.41 -4.19 -30.15
N ASP B 216 9.64 -3.83 -30.55
CA ASP B 216 9.83 -2.67 -31.40
C ASP B 216 11.17 -2.77 -32.12
N ALA B 217 11.42 -1.83 -33.05
CA ALA B 217 12.60 -1.85 -33.87
C ALA B 217 13.78 -1.20 -33.14
N LEU B 218 14.99 -1.61 -33.52
CA LEU B 218 16.21 -1.04 -32.99
C LEU B 218 16.86 -0.16 -34.07
N LYS B 219 17.35 1.00 -33.65
CA LYS B 219 18.11 1.91 -34.50
C LYS B 219 17.37 2.16 -35.82
N SER B 220 16.04 2.36 -35.70
CA SER B 220 15.19 2.69 -36.83
C SER B 220 14.85 4.18 -36.77
N SER B 221 15.11 4.90 -37.87
CA SER B 221 14.87 6.34 -37.93
C SER B 221 13.68 6.68 -38.82
N TYR B 222 13.29 5.77 -39.74
CA TYR B 222 12.12 5.97 -40.56
C TYR B 222 11.43 4.63 -40.85
N TYR B 223 10.18 4.71 -41.33
CA TYR B 223 9.50 3.57 -41.91
C TYR B 223 8.61 4.06 -43.05
N MET B 224 8.43 3.18 -44.05
CA MET B 224 7.68 3.49 -45.26
C MET B 224 6.35 2.75 -45.26
N ILE B 225 5.27 3.48 -45.53
CA ILE B 225 3.98 2.89 -45.88
C ILE B 225 3.73 3.22 -47.35
N GLY B 226 4.18 2.32 -48.23
CA GLY B 226 4.23 2.62 -49.65
C GLY B 226 5.28 3.69 -49.93
N GLU B 227 4.84 4.82 -50.50
CA GLU B 227 5.72 5.93 -50.83
C GLU B 227 5.70 6.99 -49.73
N GLN B 228 4.94 6.74 -48.66
CA GLN B 228 4.79 7.69 -47.58
C GLN B 228 5.79 7.35 -46.46
N LYS B 229 6.61 8.34 -46.09
CA LYS B 229 7.69 8.17 -45.13
C LYS B 229 7.28 8.76 -43.78
N PHE B 230 7.74 8.14 -42.70
CA PHE B 230 7.40 8.58 -41.34
C PHE B 230 8.64 8.52 -40.46
N SER B 231 8.70 9.41 -39.48
CA SER B 231 9.81 9.46 -38.53
C SER B 231 9.67 8.35 -37.50
N SER B 232 10.81 7.99 -36.91
CA SER B 232 10.92 6.95 -35.91
C SER B 232 12.11 7.29 -35.03
N LEU B 233 12.00 7.00 -33.72
CA LEU B 233 13.09 7.28 -32.79
C LEU B 233 14.10 6.14 -32.88
N PRO B 234 15.36 6.40 -33.28
CA PRO B 234 16.37 5.35 -33.37
C PRO B 234 17.04 5.08 -32.02
N LEU B 235 16.66 3.96 -31.38
CA LEU B 235 17.18 3.58 -30.09
C LEU B 235 17.98 2.29 -30.21
N GLY B 236 19.15 2.25 -29.56
CA GLY B 236 19.84 1.00 -29.27
C GLY B 236 19.22 0.33 -28.05
N ARG B 237 19.67 -0.89 -27.74
CA ARG B 237 19.04 -1.69 -26.71
C ARG B 237 19.40 -1.16 -25.32
N GLU B 238 20.56 -0.50 -25.19
CA GLU B 238 21.00 0.05 -23.92
C GLU B 238 20.03 1.16 -23.50
N ALA B 239 19.73 2.06 -24.45
CA ALA B 239 18.81 3.17 -24.23
C ALA B 239 17.44 2.66 -23.77
N VAL B 240 16.91 1.65 -24.49
CA VAL B 240 15.60 1.08 -24.19
C VAL B 240 15.59 0.53 -22.76
N GLU B 241 16.60 -0.28 -22.43
CA GLU B 241 16.69 -0.90 -21.12
C GLU B 241 16.71 0.18 -20.03
N ALA B 242 17.58 1.19 -20.22
CA ALA B 242 17.73 2.27 -19.25
C ALA B 242 16.41 3.03 -19.08
N ALA B 243 15.71 3.27 -20.19
CA ALA B 243 14.46 4.01 -20.18
C ALA B 243 13.38 3.24 -19.42
N VAL B 244 13.27 1.93 -19.68
CA VAL B 244 12.26 1.09 -19.04
C VAL B 244 12.53 1.03 -17.53
N LYS B 245 13.80 0.82 -17.16
CA LYS B 245 14.18 0.72 -15.76
C LYS B 245 13.86 2.03 -15.03
N GLU B 246 14.21 3.16 -15.67
CA GLU B 246 14.05 4.49 -15.08
C GLU B 246 12.57 4.87 -15.00
N ALA B 247 11.73 4.22 -15.81
CA ALA B 247 10.31 4.53 -15.87
C ALA B 247 9.52 3.79 -14.79
N GLY B 248 10.21 3.08 -13.90
CA GLY B 248 9.58 2.45 -12.75
C GLY B 248 9.20 0.99 -13.03
N TYR B 249 9.99 0.31 -13.88
CA TYR B 249 9.75 -1.07 -14.23
C TYR B 249 10.99 -1.91 -13.91
N THR B 250 10.77 -3.22 -13.71
CA THR B 250 11.86 -4.17 -13.57
C THR B 250 11.77 -5.16 -14.73
N ILE B 251 12.86 -5.28 -15.50
CA ILE B 251 12.89 -6.14 -16.68
C ILE B 251 13.12 -7.58 -16.23
N GLU B 252 12.36 -8.51 -16.79
CA GLU B 252 12.50 -9.92 -16.49
C GLU B 252 13.31 -10.61 -17.59
N TRP B 253 13.05 -10.26 -18.86
CA TRP B 253 13.93 -10.70 -19.93
C TRP B 253 13.86 -9.76 -21.13
N PHE B 254 14.94 -9.79 -21.92
CA PHE B 254 15.14 -8.88 -23.03
C PHE B 254 15.82 -9.64 -24.17
N GLU B 255 15.16 -9.71 -25.33
CA GLU B 255 15.64 -10.44 -26.49
C GLU B 255 15.87 -9.46 -27.64
N VAL B 256 16.99 -9.63 -28.36
CA VAL B 256 17.24 -8.94 -29.61
C VAL B 256 17.35 -9.96 -30.73
N ILE B 257 16.72 -9.68 -31.89
CA ILE B 257 16.94 -10.48 -33.08
C ILE B 257 17.71 -9.63 -34.10
N SER B 258 18.48 -10.31 -34.95
CA SER B 258 19.28 -9.66 -35.98
C SER B 258 18.40 -9.23 -37.16
N GLN B 259 17.38 -10.04 -37.47
CA GLN B 259 16.53 -9.84 -38.63
C GLN B 259 16.04 -8.40 -38.68
N SER B 260 16.24 -7.76 -39.84
CA SER B 260 15.76 -6.41 -40.09
C SER B 260 14.69 -6.45 -41.17
N TYR B 261 13.90 -5.37 -41.27
CA TYR B 261 12.93 -5.22 -42.35
C TYR B 261 13.68 -5.04 -43.67
N SER B 262 12.97 -5.26 -44.77
CA SER B 262 13.46 -4.92 -46.10
C SER B 262 13.90 -3.46 -46.11
N SER B 263 14.93 -3.15 -46.90
CA SER B 263 15.51 -1.83 -46.93
C SER B 263 14.50 -0.79 -47.41
N THR B 264 13.51 -1.22 -48.21
CA THR B 264 12.49 -0.33 -48.73
C THR B 264 11.42 -0.04 -47.68
N MET B 265 11.43 -0.77 -46.55
CA MET B 265 10.46 -0.56 -45.49
C MET B 265 11.05 0.27 -44.36
N ALA B 266 12.24 -0.10 -43.90
CA ALA B 266 12.87 0.59 -42.78
C ALA B 266 14.39 0.35 -42.78
N ASN B 267 15.07 1.04 -41.87
CA ASN B 267 16.52 1.00 -41.76
C ASN B 267 16.91 0.53 -40.36
N ASN B 268 16.15 -0.42 -39.82
CA ASN B 268 16.34 -0.89 -38.45
C ASN B 268 17.51 -1.87 -38.41
N GLU B 269 18.20 -1.91 -37.26
CA GLU B 269 19.23 -2.90 -37.00
C GLU B 269 18.67 -3.91 -36.00
N GLY B 270 17.70 -4.71 -36.47
CA GLY B 270 17.09 -5.75 -35.66
C GLY B 270 15.84 -5.25 -34.93
N LEU B 271 15.27 -6.13 -34.10
CA LEU B 271 14.16 -5.80 -33.23
C LEU B 271 14.48 -6.27 -31.81
N PHE B 272 13.71 -5.79 -30.84
CA PHE B 272 13.79 -6.29 -29.48
C PHE B 272 12.41 -6.74 -29.03
N SER B 273 12.40 -7.71 -28.12
CA SER B 273 11.24 -8.02 -27.29
C SER B 273 11.68 -7.93 -25.84
N LEU B 274 10.79 -7.44 -24.97
CA LEU B 274 11.05 -7.49 -23.54
C LEU B 274 9.75 -7.74 -22.80
N VAL B 275 9.89 -8.27 -21.58
CA VAL B 275 8.80 -8.35 -20.62
C VAL B 275 9.31 -7.74 -19.32
N ALA B 276 8.50 -6.85 -18.74
CA ALA B 276 8.85 -6.17 -17.51
C ALA B 276 7.64 -6.12 -16.59
N ARG B 277 7.86 -5.73 -15.33
CA ARG B 277 6.79 -5.62 -14.36
C ARG B 277 6.92 -4.29 -13.63
N LYS B 278 5.78 -3.64 -13.37
CA LYS B 278 5.74 -2.34 -12.71
C LYS B 278 6.09 -2.52 -11.25
N LEU B 279 6.92 -1.62 -10.72
CA LEU B 279 7.45 -1.75 -9.36
C LEU B 279 6.32 -1.53 -8.35
N SER B 280 6.42 -2.24 -7.22
CA SER B 280 5.41 -2.23 -6.18
C SER B 280 5.59 -1.00 -5.29
N GLY C 18 -17.19 48.77 34.92
CA GLY C 18 -16.10 47.82 34.59
C GLY C 18 -16.13 47.43 33.11
N SER C 19 -16.10 46.11 32.85
CA SER C 19 -16.17 45.58 31.50
C SER C 19 -16.58 44.12 31.54
N MET C 20 -17.74 43.80 30.93
CA MET C 20 -18.32 42.47 30.98
C MET C 20 -17.74 41.61 29.87
N GLU C 21 -18.04 40.30 29.93
CA GLU C 21 -17.65 39.38 28.87
C GLU C 21 -18.62 39.54 27.70
N SER C 22 -18.11 39.31 26.49
CA SER C 22 -18.85 39.53 25.26
C SER C 22 -20.15 38.73 25.25
N GLY C 23 -20.06 37.45 25.62
CA GLY C 23 -21.20 36.55 25.58
C GLY C 23 -21.04 35.51 24.47
N PHE C 24 -20.11 35.75 23.55
CA PHE C 24 -19.84 34.81 22.47
C PHE C 24 -19.10 33.60 23.03
N THR C 25 -19.46 32.42 22.51
CA THR C 25 -18.84 31.16 22.91
C THR C 25 -17.78 30.77 21.89
N SER C 26 -17.10 29.65 22.15
CA SER C 26 -16.10 29.11 21.25
C SER C 26 -16.75 28.67 19.92
N LYS C 27 -17.95 28.10 20.01
CA LYS C 27 -18.64 27.63 18.81
C LYS C 27 -19.17 28.80 17.99
N ASP C 28 -19.54 29.91 18.65
CA ASP C 28 -19.86 31.14 17.94
C ASP C 28 -18.63 31.61 17.16
N THR C 29 -17.49 31.68 17.86
CA THR C 29 -16.23 32.15 17.29
C THR C 29 -15.83 31.25 16.12
N TYR C 30 -15.96 29.93 16.31
CA TYR C 30 -15.63 28.96 15.29
C TYR C 30 -16.51 29.18 14.06
N LEU C 31 -17.83 29.17 14.27
CA LEU C 31 -18.78 29.31 13.18
C LEU C 31 -18.54 30.63 12.44
N SER C 32 -18.17 31.67 13.19
CA SER C 32 -18.01 33.01 12.66
C SER C 32 -16.77 33.11 11.76
N HIS C 33 -15.64 32.58 12.23
CA HIS C 33 -14.34 32.92 11.68
C HIS C 33 -13.70 31.79 10.88
N PHE C 34 -14.09 30.53 11.15
CA PHE C 34 -13.42 29.39 10.55
C PHE C 34 -13.65 29.41 9.03
N ASN C 35 -12.53 29.52 8.29
CA ASN C 35 -12.53 29.66 6.84
C ASN C 35 -12.17 28.30 6.22
N PRO C 36 -13.12 27.62 5.53
CA PRO C 36 -12.82 26.31 4.95
C PRO C 36 -11.59 26.28 4.05
N ARG C 37 -11.46 27.30 3.19
CA ARG C 37 -10.50 27.26 2.10
C ARG C 37 -9.08 27.52 2.60
N ASP C 38 -8.95 28.36 3.64
CA ASP C 38 -7.65 28.59 4.28
C ASP C 38 -7.16 27.31 4.94
N TYR C 39 -8.08 26.55 5.53
CA TYR C 39 -7.75 25.30 6.21
C TYR C 39 -7.26 24.29 5.16
N LEU C 40 -7.95 24.22 4.01
CA LEU C 40 -7.57 23.31 2.94
C LEU C 40 -6.21 23.70 2.37
N GLU C 41 -6.02 25.00 2.10
CA GLU C 41 -4.76 25.49 1.55
C GLU C 41 -3.60 25.11 2.45
N LYS C 42 -3.74 25.39 3.75
CA LYS C 42 -2.60 25.39 4.67
C LYS C 42 -2.32 24.00 5.23
N TYR C 43 -3.28 23.07 5.13
CA TYR C 43 -3.13 21.78 5.80
C TYR C 43 -3.09 20.61 4.81
N TYR C 44 -3.78 20.71 3.67
CA TYR C 44 -4.01 19.54 2.84
C TYR C 44 -3.54 19.75 1.39
N LYS C 45 -2.45 20.49 1.20
CA LYS C 45 -1.94 20.73 -0.13
C LYS C 45 -1.17 19.50 -0.63
N PHE C 46 -0.41 18.88 0.28
CA PHE C 46 0.28 17.63 0.01
C PHE C 46 1.30 17.87 -1.11
N GLY C 47 2.13 18.90 -0.93
CA GLY C 47 2.97 19.44 -2.00
C GLY C 47 4.33 18.75 -2.06
N SER C 48 5.32 19.47 -2.61
CA SER C 48 6.65 18.93 -2.88
C SER C 48 7.45 18.79 -1.58
N ARG C 49 7.40 19.82 -0.72
CA ARG C 49 8.16 19.83 0.51
C ARG C 49 7.55 18.84 1.50
N HIS C 50 8.39 17.94 2.04
CA HIS C 50 7.98 17.01 3.08
C HIS C 50 7.77 17.80 4.38
N SER C 51 6.60 18.44 4.48
CA SER C 51 6.26 19.25 5.64
C SER C 51 5.69 18.35 6.74
N ALA C 52 5.62 18.90 7.96
CA ALA C 52 5.05 18.20 9.10
C ALA C 52 3.58 17.90 8.84
N GLU C 53 2.90 18.78 8.09
CA GLU C 53 1.49 18.67 7.80
C GLU C 53 1.24 17.48 6.87
N SER C 54 2.14 17.27 5.91
CA SER C 54 2.03 16.16 4.97
C SER C 54 2.33 14.83 5.66
N GLN C 55 3.35 14.82 6.54
CA GLN C 55 3.71 13.63 7.28
C GLN C 55 2.54 13.19 8.16
N ILE C 56 1.85 14.16 8.78
CA ILE C 56 0.71 13.87 9.63
C ILE C 56 -0.42 13.30 8.78
N LEU C 57 -0.65 13.89 7.60
CA LEU C 57 -1.73 13.45 6.73
C LEU C 57 -1.50 12.01 6.31
N LYS C 58 -0.25 11.69 5.90
CA LYS C 58 0.13 10.33 5.54
C LYS C 58 -0.25 9.36 6.65
N HIS C 59 0.08 9.71 7.90
CA HIS C 59 -0.13 8.82 9.03
C HIS C 59 -1.62 8.56 9.26
N LEU C 60 -2.43 9.62 9.21
CA LEU C 60 -3.88 9.50 9.39
C LEU C 60 -4.46 8.56 8.34
N LEU C 61 -4.01 8.72 7.08
CA LEU C 61 -4.52 7.93 5.98
C LEU C 61 -4.22 6.45 6.16
N LYS C 62 -3.01 6.13 6.65
CA LYS C 62 -2.61 4.75 6.86
C LYS C 62 -3.42 4.13 8.01
N ASN C 63 -3.63 4.90 9.08
CA ASN C 63 -4.37 4.43 10.23
C ASN C 63 -5.84 4.18 9.84
N LEU C 64 -6.41 5.09 9.07
CA LEU C 64 -7.79 4.93 8.60
C LEU C 64 -7.92 3.68 7.73
N PHE C 65 -6.89 3.43 6.90
CA PHE C 65 -6.87 2.27 6.02
C PHE C 65 -6.83 0.99 6.86
N LYS C 66 -5.96 0.97 7.88
CA LYS C 66 -5.83 -0.18 8.76
C LYS C 66 -7.17 -0.46 9.44
N ILE C 67 -7.86 0.60 9.87
CA ILE C 67 -9.08 0.49 10.66
C ILE C 67 -10.23 -0.05 9.80
N PHE C 68 -10.37 0.49 8.59
CA PHE C 68 -11.55 0.25 7.79
C PHE C 68 -11.34 -0.92 6.83
N CYS C 69 -10.13 -1.06 6.26
CA CYS C 69 -9.88 -2.03 5.20
C CYS C 69 -9.31 -3.33 5.76
N LEU C 70 -8.16 -3.26 6.44
CA LEU C 70 -7.50 -4.45 6.95
C LEU C 70 -8.28 -5.02 8.13
N ASP C 71 -8.53 -4.16 9.13
CA ASP C 71 -9.39 -4.52 10.26
C ASP C 71 -10.82 -4.66 9.74
N GLY C 72 -11.76 -4.96 10.65
CA GLY C 72 -13.13 -5.26 10.26
C GLY C 72 -14.13 -4.23 10.77
N VAL C 73 -13.74 -2.94 10.77
CA VAL C 73 -14.70 -1.87 11.03
C VAL C 73 -15.47 -1.64 9.73
N LYS C 74 -16.70 -2.16 9.70
CA LYS C 74 -17.56 -2.08 8.52
C LYS C 74 -19.02 -2.13 8.99
N GLY C 75 -19.95 -1.90 8.07
CA GLY C 75 -21.37 -1.95 8.40
C GLY C 75 -22.21 -1.17 7.39
N ASP C 76 -23.38 -0.71 7.84
CA ASP C 76 -24.33 -0.02 6.99
C ASP C 76 -24.12 1.48 7.09
N LEU C 77 -24.15 2.03 8.31
CA LEU C 77 -24.15 3.47 8.51
C LEU C 77 -22.91 3.91 9.28
N LEU C 78 -22.22 4.92 8.74
CA LEU C 78 -21.16 5.62 9.44
C LEU C 78 -21.51 7.11 9.48
N ILE C 79 -21.33 7.72 10.66
CA ILE C 79 -21.55 9.15 10.83
C ILE C 79 -20.21 9.81 11.13
N ASP C 80 -19.83 10.78 10.30
CA ASP C 80 -18.60 11.54 10.50
C ASP C 80 -18.94 12.82 11.25
N ILE C 81 -18.40 12.94 12.48
CA ILE C 81 -18.58 14.12 13.30
C ILE C 81 -17.39 15.06 13.10
N GLY C 82 -17.69 16.31 12.74
CA GLY C 82 -16.65 17.31 12.52
C GLY C 82 -15.90 17.06 11.22
N SER C 83 -16.64 16.67 10.18
CA SER C 83 -16.08 16.42 8.87
C SER C 83 -15.20 17.58 8.41
N GLY C 84 -15.67 18.81 8.67
CA GLY C 84 -15.01 19.99 8.14
C GLY C 84 -15.22 20.07 6.63
N PRO C 85 -14.29 20.71 5.87
CA PRO C 85 -14.36 20.71 4.42
C PRO C 85 -13.65 19.53 3.75
N THR C 86 -13.27 18.52 4.54
CA THR C 86 -12.33 17.50 4.09
C THR C 86 -13.06 16.21 3.74
N ILE C 87 -12.44 15.41 2.87
CA ILE C 87 -12.93 14.09 2.51
C ILE C 87 -11.84 13.02 2.69
N TYR C 88 -10.66 13.42 3.19
CA TYR C 88 -9.54 12.49 3.33
C TYR C 88 -9.93 11.38 4.31
N GLN C 89 -10.79 11.71 5.29
CA GLN C 89 -11.14 10.81 6.37
C GLN C 89 -12.22 9.81 5.95
N LEU C 90 -12.67 9.87 4.69
CA LEU C 90 -13.78 9.06 4.21
C LEU C 90 -13.33 8.09 3.13
N LEU C 91 -12.10 8.25 2.62
CA LEU C 91 -11.70 7.62 1.38
C LEU C 91 -11.59 6.10 1.54
N SER C 92 -11.11 5.64 2.70
CA SER C 92 -11.07 4.22 3.00
C SER C 92 -12.41 3.76 3.56
N ALA C 93 -13.13 4.66 4.25
CA ALA C 93 -14.35 4.32 4.96
C ALA C 93 -15.47 3.93 3.98
N CYS C 94 -15.45 4.48 2.77
CA CYS C 94 -16.49 4.19 1.79
C CYS C 94 -16.32 2.80 1.18
N GLU C 95 -15.19 2.13 1.49
CA GLU C 95 -15.01 0.73 1.10
C GLU C 95 -15.72 -0.19 2.08
N SER C 96 -15.93 0.29 3.31
CA SER C 96 -16.45 -0.54 4.39
C SER C 96 -17.91 -0.21 4.73
N PHE C 97 -18.42 0.93 4.22
CA PHE C 97 -19.74 1.39 4.60
C PHE C 97 -20.56 1.74 3.37
N LYS C 98 -21.83 1.30 3.42
CA LYS C 98 -22.80 1.51 2.34
C LYS C 98 -23.20 2.99 2.32
N GLU C 99 -23.39 3.56 3.51
CA GLU C 99 -23.90 4.91 3.70
C GLU C 99 -23.03 5.67 4.68
N ILE C 100 -22.87 6.98 4.43
CA ILE C 100 -22.09 7.87 5.28
C ILE C 100 -22.84 9.19 5.45
N VAL C 101 -22.87 9.70 6.68
CA VAL C 101 -23.41 11.03 6.96
C VAL C 101 -22.25 11.92 7.38
N VAL C 102 -22.16 13.11 6.76
CA VAL C 102 -21.11 14.07 7.08
C VAL C 102 -21.74 15.23 7.87
N THR C 103 -21.03 15.71 8.89
CA THR C 103 -21.56 16.73 9.78
C THR C 103 -20.45 17.70 10.19
N ASP C 104 -20.88 18.91 10.57
CA ASP C 104 -20.00 19.94 11.12
C ASP C 104 -20.88 21.04 11.70
N TYR C 105 -20.31 21.83 12.63
CA TYR C 105 -21.04 22.94 13.23
C TYR C 105 -21.03 24.14 12.27
N SER C 106 -20.15 24.10 11.25
CA SER C 106 -20.02 25.19 10.30
C SER C 106 -20.68 24.84 8.97
N ASP C 107 -21.61 25.68 8.53
CA ASP C 107 -22.28 25.51 7.24
C ASP C 107 -21.33 25.90 6.11
N GLN C 108 -20.36 26.78 6.39
CA GLN C 108 -19.33 27.13 5.43
C GLN C 108 -18.54 25.89 5.05
N ASN C 109 -18.14 25.12 6.06
CA ASN C 109 -17.36 23.90 5.87
C ASN C 109 -18.12 22.92 4.98
N LEU C 110 -19.42 22.75 5.26
CA LEU C 110 -20.25 21.78 4.55
C LEU C 110 -20.56 22.26 3.14
N GLN C 111 -20.55 23.59 2.94
CA GLN C 111 -20.76 24.16 1.62
C GLN C 111 -19.55 23.85 0.73
N GLU C 112 -18.34 23.95 1.31
CA GLU C 112 -17.11 23.63 0.60
C GLU C 112 -17.05 22.14 0.30
N LEU C 113 -17.51 21.32 1.25
CA LEU C 113 -17.55 19.87 1.09
C LEU C 113 -18.55 19.52 -0.01
N GLU C 114 -19.72 20.16 0.01
CA GLU C 114 -20.78 19.91 -0.96
C GLU C 114 -20.34 20.29 -2.37
N LYS C 115 -19.46 21.29 -2.49
CA LYS C 115 -18.89 21.66 -3.78
C LYS C 115 -18.17 20.47 -4.39
N TRP C 116 -17.39 19.76 -3.57
CA TRP C 116 -16.66 18.60 -4.03
C TRP C 116 -17.62 17.46 -4.35
N LEU C 117 -18.58 17.20 -3.44
CA LEU C 117 -19.56 16.14 -3.62
C LEU C 117 -20.31 16.31 -4.94
N LYS C 118 -20.54 17.56 -5.35
CA LYS C 118 -21.29 17.85 -6.57
C LYS C 118 -20.35 18.00 -7.78
N ALA C 119 -19.04 17.87 -7.56
CA ALA C 119 -18.03 18.01 -8.59
C ALA C 119 -18.14 19.37 -9.27
N ALA C 120 -18.51 20.40 -8.50
CA ALA C 120 -18.46 21.77 -8.98
C ALA C 120 -16.99 22.12 -9.26
N PRO C 121 -16.68 22.96 -10.27
CA PRO C 121 -15.30 23.20 -10.67
C PRO C 121 -14.50 24.03 -9.64
N ALA C 122 -15.23 24.71 -8.74
CA ALA C 122 -14.61 25.49 -7.67
C ALA C 122 -14.06 24.60 -6.56
N ALA C 123 -14.34 23.28 -6.64
CA ALA C 123 -14.01 22.35 -5.58
C ALA C 123 -12.49 22.23 -5.40
N PHE C 124 -12.08 21.81 -4.19
CA PHE C 124 -10.69 21.59 -3.86
C PHE C 124 -10.18 20.35 -4.59
N ASP C 125 -8.91 20.39 -5.02
CA ASP C 125 -8.28 19.29 -5.72
C ASP C 125 -7.74 18.29 -4.70
N TRP C 126 -8.46 17.16 -4.55
CA TRP C 126 -8.10 16.13 -3.58
C TRP C 126 -7.30 15.00 -4.24
N SER C 127 -7.04 15.10 -5.55
CA SER C 127 -6.60 13.96 -6.32
C SER C 127 -5.25 13.42 -5.84
N PRO C 128 -4.30 14.26 -5.35
CA PRO C 128 -3.08 13.72 -4.75
C PRO C 128 -3.33 12.80 -3.55
N VAL C 129 -4.32 13.16 -2.72
CA VAL C 129 -4.69 12.37 -1.56
C VAL C 129 -5.45 11.12 -2.01
N VAL C 130 -6.32 11.27 -3.02
CA VAL C 130 -7.06 10.15 -3.59
C VAL C 130 -6.06 9.14 -4.16
N THR C 131 -4.99 9.64 -4.78
CA THR C 131 -3.96 8.80 -5.38
C THR C 131 -3.29 7.97 -4.30
N TYR C 132 -2.84 8.65 -3.23
CA TYR C 132 -2.14 8.02 -2.12
C TYR C 132 -2.97 6.86 -1.57
N VAL C 133 -4.28 7.07 -1.42
CA VAL C 133 -5.16 6.10 -0.78
C VAL C 133 -5.38 4.90 -1.70
N CYS C 134 -5.53 5.15 -3.01
CA CYS C 134 -5.63 4.08 -3.98
C CYS C 134 -4.39 3.19 -3.93
N ASP C 135 -3.22 3.81 -3.69
CA ASP C 135 -1.96 3.08 -3.58
C ASP C 135 -1.99 2.17 -2.36
N LEU C 136 -2.43 2.71 -1.21
CA LEU C 136 -2.57 1.94 0.02
C LEU C 136 -3.43 0.70 -0.21
N GLU C 137 -4.52 0.86 -0.97
CA GLU C 137 -5.54 -0.15 -1.09
C GLU C 137 -5.23 -1.13 -2.23
N GLY C 138 -4.03 -1.03 -2.81
CA GLY C 138 -3.52 -2.03 -3.73
C GLY C 138 -3.81 -1.70 -5.18
N ASN C 139 -4.25 -0.47 -5.46
CA ASN C 139 -4.56 -0.02 -6.81
C ASN C 139 -5.58 -0.96 -7.44
N ARG C 140 -6.63 -1.29 -6.67
CA ARG C 140 -7.79 -2.00 -7.16
C ARG C 140 -8.57 -1.11 -8.12
N VAL C 141 -8.50 0.21 -7.90
CA VAL C 141 -9.22 1.18 -8.71
C VAL C 141 -8.35 2.42 -8.92
N LYS C 142 -8.72 3.22 -9.92
CA LYS C 142 -8.12 4.53 -10.15
C LYS C 142 -8.91 5.58 -9.37
N GLY C 143 -8.36 6.81 -9.32
CA GLY C 143 -8.92 7.90 -8.54
C GLY C 143 -10.39 8.15 -8.85
N PRO C 144 -10.76 8.43 -10.13
CA PRO C 144 -12.14 8.76 -10.48
C PRO C 144 -13.18 7.78 -9.95
N GLU C 145 -12.89 6.47 -10.04
CA GLU C 145 -13.82 5.44 -9.56
C GLU C 145 -13.90 5.51 -8.04
N LYS C 146 -12.77 5.79 -7.38
CA LYS C 146 -12.72 5.93 -5.93
C LYS C 146 -13.58 7.12 -5.51
N GLU C 147 -13.42 8.25 -6.21
CA GLU C 147 -14.14 9.47 -5.87
C GLU C 147 -15.64 9.26 -6.08
N GLU C 148 -16.01 8.54 -7.15
CA GLU C 148 -17.41 8.27 -7.45
C GLU C 148 -18.01 7.37 -6.37
N LYS C 149 -17.20 6.46 -5.82
CA LYS C 149 -17.67 5.55 -4.77
C LYS C 149 -17.94 6.33 -3.49
N LEU C 150 -17.14 7.37 -3.23
CA LEU C 150 -17.33 8.22 -2.06
C LEU C 150 -18.60 9.06 -2.24
N ARG C 151 -18.81 9.58 -3.46
CA ARG C 151 -19.94 10.45 -3.74
C ARG C 151 -21.26 9.69 -3.58
N GLN C 152 -21.29 8.44 -4.04
CA GLN C 152 -22.47 7.60 -3.91
C GLN C 152 -22.75 7.27 -2.45
N ALA C 153 -21.69 7.14 -1.64
CA ALA C 153 -21.80 6.70 -0.26
C ALA C 153 -22.35 7.82 0.63
N VAL C 154 -21.90 9.05 0.40
CA VAL C 154 -22.32 10.18 1.21
C VAL C 154 -23.77 10.51 0.88
N LYS C 155 -24.65 10.34 1.88
CA LYS C 155 -26.08 10.39 1.69
C LYS C 155 -26.65 11.72 2.20
N GLN C 156 -26.16 12.17 3.37
CA GLN C 156 -26.71 13.35 4.02
C GLN C 156 -25.58 14.29 4.45
N VAL C 157 -25.92 15.57 4.57
CA VAL C 157 -25.03 16.60 5.05
C VAL C 157 -25.77 17.41 6.11
N LEU C 158 -25.33 17.29 7.38
CA LEU C 158 -26.10 17.78 8.51
C LEU C 158 -25.23 18.63 9.44
N LYS C 159 -25.88 19.55 10.16
CA LYS C 159 -25.27 20.21 11.30
C LYS C 159 -25.08 19.19 12.41
N CYS C 160 -23.93 19.27 13.11
CA CYS C 160 -23.75 18.61 14.39
C CYS C 160 -23.38 19.65 15.44
N ASP C 161 -23.78 19.37 16.69
CA ASP C 161 -23.29 20.09 17.85
C ASP C 161 -23.10 19.08 18.97
N VAL C 162 -21.84 18.70 19.22
CA VAL C 162 -21.52 17.57 20.07
C VAL C 162 -21.76 17.91 21.55
N THR C 163 -22.02 19.20 21.84
CA THR C 163 -22.30 19.63 23.21
C THR C 163 -23.77 19.41 23.55
N GLN C 164 -24.59 19.03 22.55
CA GLN C 164 -26.01 18.79 22.77
C GLN C 164 -26.25 17.29 22.95
N SER C 165 -27.19 16.95 23.84
CA SER C 165 -27.50 15.56 24.16
C SER C 165 -28.05 14.82 22.94
N GLN C 166 -28.61 15.56 21.98
CA GLN C 166 -28.93 15.04 20.67
C GLN C 166 -28.12 15.81 19.62
N PRO C 167 -26.92 15.34 19.23
CA PRO C 167 -25.99 16.15 18.44
C PRO C 167 -26.44 16.47 17.03
N LEU C 168 -27.33 15.66 16.44
CA LEU C 168 -27.84 15.91 15.10
C LEU C 168 -29.31 16.36 15.16
N GLY C 169 -29.73 16.91 16.30
CA GLY C 169 -31.10 17.35 16.49
C GLY C 169 -32.03 16.16 16.71
N ALA C 170 -33.33 16.37 16.44
CA ALA C 170 -34.35 15.35 16.61
C ALA C 170 -34.64 14.66 15.27
N VAL C 171 -33.65 14.65 14.38
CA VAL C 171 -33.77 14.01 13.08
C VAL C 171 -33.91 12.50 13.29
N PRO C 172 -34.81 11.82 12.54
CA PRO C 172 -34.91 10.36 12.61
C PRO C 172 -33.79 9.66 11.85
N LEU C 173 -32.68 9.38 12.55
CA LEU C 173 -31.57 8.62 11.99
C LEU C 173 -31.58 7.21 12.58
N PRO C 174 -31.35 6.16 11.74
CA PRO C 174 -31.15 4.81 12.28
C PRO C 174 -29.87 4.72 13.11
N PRO C 175 -29.84 3.90 14.19
CA PRO C 175 -28.62 3.67 14.94
C PRO C 175 -27.43 3.29 14.06
N ALA C 176 -26.30 3.97 14.27
CA ALA C 176 -25.15 3.88 13.38
C ALA C 176 -24.26 2.70 13.79
N ASP C 177 -23.51 2.18 12.82
CA ASP C 177 -22.56 1.11 13.05
C ASP C 177 -21.22 1.68 13.50
N CYS C 178 -20.93 2.93 13.13
CA CYS C 178 -19.66 3.56 13.49
C CYS C 178 -19.82 5.09 13.54
N VAL C 179 -19.15 5.70 14.52
CA VAL C 179 -19.01 7.15 14.61
C VAL C 179 -17.54 7.51 14.46
N LEU C 180 -17.21 8.23 13.39
CA LEU C 180 -15.85 8.70 13.12
C LEU C 180 -15.75 10.17 13.50
N SER C 181 -14.61 10.58 14.05
CA SER C 181 -14.36 11.98 14.37
C SER C 181 -12.85 12.28 14.34
N THR C 182 -12.39 12.94 13.27
CA THR C 182 -10.99 13.28 13.11
C THR C 182 -10.81 14.78 13.32
N LEU C 183 -9.94 15.13 14.29
CA LEU C 183 -9.49 16.50 14.50
C LEU C 183 -10.67 17.43 14.79
N CYS C 184 -11.57 17.01 15.69
CA CYS C 184 -12.79 17.75 15.95
C CYS C 184 -12.97 18.02 17.44
N LEU C 185 -12.97 16.96 18.25
CA LEU C 185 -13.48 17.03 19.62
C LEU C 185 -12.64 17.95 20.49
N ASP C 186 -11.32 17.96 20.29
CA ASP C 186 -10.44 18.90 20.98
C ASP C 186 -10.91 20.33 20.75
N ALA C 187 -11.24 20.65 19.49
CA ALA C 187 -11.61 22.01 19.09
C ALA C 187 -13.01 22.37 19.58
N ALA C 188 -13.88 21.36 19.72
CA ALA C 188 -15.30 21.57 19.93
C ALA C 188 -15.63 21.74 21.42
N CYS C 189 -14.81 21.15 22.30
CA CYS C 189 -15.11 21.12 23.72
C CYS C 189 -14.15 22.05 24.47
N PRO C 190 -14.65 23.07 25.21
CA PRO C 190 -13.78 23.98 25.94
C PRO C 190 -13.32 23.45 27.31
N ASP C 191 -13.92 22.37 27.80
CA ASP C 191 -13.54 21.79 29.08
C ASP C 191 -13.70 20.27 29.04
N LEU C 192 -13.11 19.61 30.05
CA LEU C 192 -13.05 18.16 30.13
C LEU C 192 -14.45 17.59 30.39
N PRO C 193 -15.25 18.15 31.33
CA PRO C 193 -16.63 17.68 31.51
C PRO C 193 -17.43 17.65 30.21
N THR C 194 -17.27 18.69 29.39
CA THR C 194 -17.95 18.79 28.11
C THR C 194 -17.43 17.70 27.16
N TYR C 195 -16.12 17.42 27.24
CA TYR C 195 -15.50 16.37 26.43
C TYR C 195 -16.16 15.03 26.74
N CYS C 196 -16.26 14.70 28.04
CA CYS C 196 -16.88 13.46 28.49
CA CYS C 196 -16.86 13.44 28.45
C CYS C 196 -18.32 13.41 28.01
N ARG C 197 -19.04 14.53 28.18
CA ARG C 197 -20.44 14.60 27.82
C ARG C 197 -20.62 14.40 26.32
N ALA C 198 -19.70 14.97 25.52
CA ALA C 198 -19.77 14.87 24.07
C ALA C 198 -19.65 13.42 23.61
N LEU C 199 -18.75 12.67 24.24
CA LEU C 199 -18.55 11.26 23.93
C LEU C 199 -19.80 10.47 24.31
N ARG C 200 -20.43 10.88 25.42
CA ARG C 200 -21.69 10.31 25.87
C ARG C 200 -22.76 10.60 24.81
N ASN C 201 -22.76 11.84 24.32
CA ASN C 201 -23.74 12.32 23.34
C ASN C 201 -23.60 11.58 22.02
N LEU C 202 -22.36 11.39 21.55
CA LEU C 202 -22.11 10.67 20.31
C LEU C 202 -22.59 9.23 20.43
N GLY C 203 -22.51 8.67 21.65
CA GLY C 203 -22.97 7.32 21.94
C GLY C 203 -24.44 7.12 21.62
N SER C 204 -25.24 8.20 21.72
CA SER C 204 -26.66 8.15 21.45
C SER C 204 -26.93 7.82 19.97
N LEU C 205 -25.91 8.01 19.12
CA LEU C 205 -26.03 7.79 17.68
C LEU C 205 -25.65 6.34 17.33
N LEU C 206 -25.03 5.62 18.27
CA LEU C 206 -24.43 4.32 18.00
C LEU C 206 -25.34 3.19 18.44
N LYS C 207 -25.25 2.07 17.71
CA LYS C 207 -25.77 0.80 18.19
C LYS C 207 -24.93 0.34 19.37
N PRO C 208 -25.48 -0.43 20.32
CA PRO C 208 -24.65 -1.16 21.28
C PRO C 208 -23.69 -2.11 20.56
N GLY C 209 -22.40 -2.00 20.89
CA GLY C 209 -21.37 -2.78 20.23
C GLY C 209 -20.81 -2.09 18.99
N GLY C 210 -21.22 -0.83 18.77
CA GLY C 210 -20.82 -0.08 17.60
C GLY C 210 -19.45 0.57 17.80
N PHE C 211 -18.80 0.93 16.68
CA PHE C 211 -17.43 1.40 16.71
C PHE C 211 -17.38 2.93 16.86
N LEU C 212 -16.44 3.40 17.67
CA LEU C 212 -16.11 4.81 17.77
C LEU C 212 -14.65 4.99 17.40
N VAL C 213 -14.40 5.68 16.28
CA VAL C 213 -13.06 5.96 15.79
C VAL C 213 -12.76 7.44 16.03
N ILE C 214 -11.67 7.72 16.75
CA ILE C 214 -11.28 9.08 17.07
C ILE C 214 -9.79 9.27 16.77
N MET C 215 -9.47 10.39 16.10
CA MET C 215 -8.10 10.82 15.91
C MET C 215 -8.04 12.32 16.20
N ASP C 216 -7.11 12.75 17.06
CA ASP C 216 -7.05 14.14 17.46
C ASP C 216 -5.66 14.47 18.01
N ALA C 217 -5.41 15.77 18.19
CA ALA C 217 -4.14 16.26 18.70
C ALA C 217 -4.08 16.08 20.22
N LEU C 218 -2.86 15.87 20.73
CA LEU C 218 -2.59 15.79 22.16
C LEU C 218 -1.98 17.11 22.64
N LYS C 219 -2.39 17.56 23.83
CA LYS C 219 -1.82 18.72 24.50
C LYS C 219 -1.76 19.91 23.54
N SER C 220 -2.89 20.21 22.89
CA SER C 220 -2.99 21.30 21.94
C SER C 220 -4.00 22.33 22.47
N SER C 221 -3.52 23.56 22.71
CA SER C 221 -4.34 24.61 23.31
C SER C 221 -4.84 25.59 22.25
N TYR C 222 -4.29 25.55 21.04
CA TYR C 222 -4.76 26.41 19.96
C TYR C 222 -4.40 25.79 18.61
N TYR C 223 -5.04 26.30 17.55
CA TYR C 223 -4.65 26.00 16.18
C TYR C 223 -4.85 27.25 15.33
N MET C 224 -4.08 27.36 14.24
CA MET C 224 -4.09 28.52 13.38
C MET C 224 -4.65 28.14 12.01
N ILE C 225 -5.54 28.99 11.49
CA ILE C 225 -6.00 28.91 10.11
C ILE C 225 -5.55 30.18 9.40
N GLY C 226 -4.32 30.17 8.90
CA GLY C 226 -3.66 31.38 8.43
C GLY C 226 -3.39 32.33 9.60
N GLU C 227 -4.08 33.47 9.61
CA GLU C 227 -3.88 34.50 10.61
C GLU C 227 -4.82 34.31 11.81
N GLN C 228 -5.86 33.48 11.64
CA GLN C 228 -6.89 33.31 12.65
C GLN C 228 -6.51 32.23 13.65
N LYS C 229 -6.64 32.55 14.95
CA LYS C 229 -6.34 31.62 16.03
C LYS C 229 -7.64 31.12 16.65
N PHE C 230 -7.64 29.84 17.07
CA PHE C 230 -8.78 29.22 17.73
C PHE C 230 -8.32 28.47 18.96
N SER C 231 -9.24 28.29 19.92
CA SER C 231 -8.96 27.54 21.14
C SER C 231 -9.20 26.06 20.89
N SER C 232 -8.43 25.23 21.61
CA SER C 232 -8.68 23.80 21.70
C SER C 232 -8.32 23.33 23.11
N LEU C 233 -8.91 22.20 23.51
CA LEU C 233 -8.70 21.66 24.84
C LEU C 233 -7.40 20.84 24.85
N PRO C 234 -6.37 21.25 25.61
CA PRO C 234 -5.15 20.46 25.72
C PRO C 234 -5.32 19.23 26.62
N LEU C 235 -5.44 18.05 25.99
CA LEU C 235 -5.65 16.81 26.71
C LEU C 235 -4.46 15.89 26.52
N GLY C 236 -3.99 15.27 27.62
CA GLY C 236 -3.03 14.20 27.56
C GLY C 236 -3.72 12.87 27.25
N ARG C 237 -2.92 11.85 26.95
CA ARG C 237 -3.44 10.55 26.55
C ARG C 237 -4.24 9.93 27.69
N GLU C 238 -3.83 10.19 28.94
CA GLU C 238 -4.43 9.58 30.11
C GLU C 238 -5.85 10.13 30.28
N ALA C 239 -6.01 11.44 30.05
CA ALA C 239 -7.31 12.09 30.13
C ALA C 239 -8.27 11.50 29.10
N VAL C 240 -7.77 11.31 27.86
CA VAL C 240 -8.58 10.85 26.75
C VAL C 240 -9.09 9.43 27.04
N GLU C 241 -8.18 8.54 27.46
CA GLU C 241 -8.53 7.16 27.74
C GLU C 241 -9.55 7.07 28.88
N ALA C 242 -9.35 7.89 29.92
CA ALA C 242 -10.23 7.88 31.08
C ALA C 242 -11.61 8.41 30.70
N ALA C 243 -11.64 9.43 29.83
CA ALA C 243 -12.89 10.06 29.40
C ALA C 243 -13.71 9.09 28.55
N VAL C 244 -13.02 8.32 27.69
CA VAL C 244 -13.68 7.40 26.78
C VAL C 244 -14.26 6.23 27.56
N LYS C 245 -13.49 5.65 28.49
CA LYS C 245 -13.97 4.60 29.38
C LYS C 245 -15.20 5.08 30.13
N GLU C 246 -15.07 6.26 30.76
CA GLU C 246 -16.12 6.84 31.60
C GLU C 246 -17.39 7.05 30.78
N ALA C 247 -17.23 7.37 29.49
CA ALA C 247 -18.35 7.72 28.62
C ALA C 247 -19.13 6.47 28.19
N GLY C 248 -18.59 5.27 28.45
CA GLY C 248 -19.31 4.03 28.24
C GLY C 248 -18.81 3.29 27.00
N TYR C 249 -17.50 3.35 26.74
CA TYR C 249 -16.88 2.60 25.66
C TYR C 249 -15.81 1.68 26.24
N THR C 250 -15.42 0.68 25.44
CA THR C 250 -14.30 -0.18 25.75
C THR C 250 -13.29 -0.04 24.60
N ILE C 251 -12.07 0.39 24.94
CA ILE C 251 -11.08 0.74 23.94
C ILE C 251 -10.44 -0.54 23.40
N GLU C 252 -10.44 -0.69 22.07
CA GLU C 252 -9.82 -1.82 21.40
C GLU C 252 -8.31 -1.57 21.29
N TRP C 253 -7.95 -0.38 20.78
CA TRP C 253 -6.55 0.00 20.70
C TRP C 253 -6.37 1.52 20.67
N PHE C 254 -5.16 1.95 21.01
CA PHE C 254 -4.84 3.36 21.18
C PHE C 254 -3.39 3.58 20.73
N GLU C 255 -3.20 4.48 19.75
CA GLU C 255 -1.87 4.77 19.21
C GLU C 255 -1.56 6.26 19.39
N VAL C 256 -0.29 6.54 19.70
CA VAL C 256 0.23 7.89 19.76
C VAL C 256 1.36 8.01 18.74
N ILE C 257 1.47 9.18 18.09
CA ILE C 257 2.64 9.51 17.29
C ILE C 257 3.26 10.78 17.87
N SER C 258 4.58 10.92 17.72
CA SER C 258 5.31 12.05 18.29
C SER C 258 5.18 13.27 17.38
N GLN C 259 5.00 13.00 16.07
CA GLN C 259 4.94 14.01 15.03
C GLN C 259 3.93 15.09 15.38
N SER C 260 4.41 16.35 15.46
CA SER C 260 3.59 17.50 15.77
C SER C 260 3.41 18.37 14.53
N TYR C 261 2.43 19.27 14.58
CA TYR C 261 2.26 20.27 13.53
C TYR C 261 3.35 21.33 13.67
N SER C 262 3.58 22.08 12.60
CA SER C 262 4.46 23.24 12.63
C SER C 262 3.99 24.22 13.69
N SER C 263 4.95 24.92 14.32
CA SER C 263 4.64 25.90 15.34
C SER C 263 3.69 26.96 14.81
N THR C 264 3.77 27.24 13.50
CA THR C 264 2.98 28.27 12.86
C THR C 264 1.53 27.82 12.70
N MET C 265 1.20 26.58 13.10
CA MET C 265 -0.11 26.02 12.86
C MET C 265 -0.73 25.48 14.15
N ALA C 266 0.06 24.84 15.01
CA ALA C 266 -0.44 24.37 16.31
C ALA C 266 0.72 24.01 17.24
N ASN C 267 0.37 23.80 18.53
CA ASN C 267 1.35 23.59 19.59
C ASN C 267 1.12 22.22 20.25
N ASN C 268 0.83 21.20 19.43
CA ASN C 268 0.47 19.89 19.95
C ASN C 268 1.74 19.08 20.24
N GLU C 269 1.59 18.10 21.14
CA GLU C 269 2.62 17.10 21.38
C GLU C 269 2.11 15.76 20.88
N GLY C 270 2.01 15.65 19.54
CA GLY C 270 1.63 14.41 18.88
C GLY C 270 0.13 14.31 18.66
N LEU C 271 -0.28 13.21 18.01
CA LEU C 271 -1.68 12.89 17.79
C LEU C 271 -1.95 11.50 18.39
N PHE C 272 -3.24 11.21 18.57
CA PHE C 272 -3.66 9.87 18.97
C PHE C 272 -4.69 9.35 17.97
N SER C 273 -4.68 8.02 17.76
CA SER C 273 -5.78 7.31 17.15
C SER C 273 -6.28 6.27 18.14
N LEU C 274 -7.61 6.13 18.25
CA LEU C 274 -8.15 5.05 19.06
C LEU C 274 -9.37 4.45 18.34
N VAL C 275 -9.63 3.18 18.65
CA VAL C 275 -10.85 2.51 18.24
C VAL C 275 -11.47 1.91 19.50
N ALA C 276 -12.74 2.26 19.75
CA ALA C 276 -13.48 1.77 20.90
C ALA C 276 -14.83 1.24 20.44
N ARG C 277 -15.49 0.47 21.32
CA ARG C 277 -16.83 -0.04 21.05
C ARG C 277 -17.76 0.37 22.17
N LYS C 278 -19.01 0.71 21.80
CA LYS C 278 -20.02 1.05 22.78
C LYS C 278 -20.39 -0.23 23.54
N LEU C 279 -20.46 -0.12 24.87
CA LEU C 279 -20.65 -1.28 25.73
C LEU C 279 -22.00 -1.92 25.44
N SER C 280 -21.96 -3.16 24.95
CA SER C 280 -23.15 -3.93 24.63
C SER C 280 -23.68 -4.60 25.90
O2 A1AF6 D . 16.03 -15.45 23.61
C11 A1AF6 D . 14.74 -15.35 23.97
N2 A1AF6 D . 14.32 -14.86 25.14
C9 A1AF6 D . 14.88 -15.04 26.35
C3 A1AF6 D . 16.21 -14.42 26.57
N1 A1AF6 D . 16.85 -13.76 25.59
C2 A1AF6 D . 18.06 -13.21 25.77
O1 A1AF6 D . 18.61 -12.63 24.82
C8 A1AF6 D . 14.30 -15.67 27.46
C7 A1AF6 D . 14.94 -15.74 28.71
C6 A1AF6 D . 16.19 -15.18 28.93
C4 A1AF6 D . 16.85 -14.52 27.91
C5 A1AF6 D . 18.11 -13.94 28.08
C1 A1AF6 D . 18.70 -13.29 27.01
N4 A1AF6 D . 13.72 -15.62 23.16
C10 A1AF6 D . 12.60 -15.36 23.86
N3 A1AF6 D . 12.93 -14.91 25.09
C12 A1AF6 D . 11.21 -15.54 23.36
C16 A1AF6 D . 10.23 -15.50 24.53
N5 A1AF6 D . 8.85 -15.63 24.03
C15 A1AF6 D . 8.68 -16.92 23.34
C14 A1AF6 D . 9.64 -17.04 22.16
C13 A1AF6 D . 11.08 -16.86 22.62
C17 A1AF6 D . 7.91 -15.53 25.16
C18 A1AF6 D . 6.48 -15.35 24.63
C19 A1AF6 D . 5.50 -14.83 25.69
C24 A1AF6 D . 5.74 -13.36 26.02
C23 A1AF6 D . 4.75 -12.88 27.07
C22 A1AF6 D . 3.32 -13.06 26.58
C21 A1AF6 D . 3.06 -14.51 26.17
C20 A1AF6 D . 4.08 -14.99 25.15
O2 A1AF6 E . -0.93 5.38 -32.48
C11 A1AF6 E . 0.12 4.77 -33.08
N2 A1AF6 E . 1.35 5.21 -32.99
C9 A1AF6 E . 1.69 6.50 -33.15
C3 A1AF6 E . 1.43 7.36 -31.97
N1 A1AF6 E . 0.82 6.89 -30.87
C2 A1AF6 E . 0.57 7.68 -29.81
O1 A1AF6 E . 0.01 7.18 -28.81
C8 A1AF6 E . 2.33 7.09 -34.24
C7 A1AF6 E . 2.69 8.44 -34.25
C6 A1AF6 E . 2.43 9.29 -33.17
C4 A1AF6 E . 1.81 8.80 -32.03
C5 A1AF6 E . 1.54 9.59 -30.92
C1 A1AF6 E . 0.92 9.02 -29.81
N4 A1AF6 E . 0.04 3.60 -33.71
C10 A1AF6 E . 1.30 3.31 -34.13
N3 A1AF6 E . 2.12 4.30 -33.71
C12 A1AF6 E . 1.72 2.12 -34.91
C16 A1AF6 E . 2.98 2.42 -35.72
N5 A1AF6 E . 3.40 1.23 -36.48
C15 A1AF6 E . 2.33 0.86 -37.44
C14 A1AF6 E . 1.07 0.47 -36.67
C13 A1AF6 E . 0.60 1.64 -35.83
C17 A1AF6 E . 4.65 1.48 -37.21
C18 A1AF6 E . 5.30 0.17 -37.63
C19 A1AF6 E . 6.76 0.33 -38.07
C24 A1AF6 E . 7.68 0.41 -36.86
C23 A1AF6 E . 9.13 0.56 -37.29
C22 A1AF6 E . 9.57 -0.59 -38.20
C21 A1AF6 E . 8.61 -0.80 -39.37
C20 A1AF6 E . 7.16 -0.88 -38.92
O2 A1AF6 F . -17.83 21.19 14.05
C11 A1AF6 F . -16.49 21.22 14.16
N2 A1AF6 F . -15.83 21.50 15.27
C9 A1AF6 F . -16.16 22.44 16.17
C3 A1AF6 F . -17.40 22.16 16.96
N1 A1AF6 F . -18.15 21.07 16.73
C2 A1AF6 F . -19.27 20.83 17.42
O1 A1AF6 F . -19.93 19.81 17.17
C8 A1AF6 F . -15.47 23.59 16.52
C7 A1AF6 F . -15.90 24.48 17.53
C6 A1AF6 F . -17.06 24.24 18.26
C4 A1AF6 F . -17.83 23.12 18.01
C5 A1AF6 F . -18.98 22.84 18.72
C1 A1AF6 F . -19.71 21.70 18.41
N4 A1AF6 F . -15.66 20.86 13.17
C10 A1AF6 F . -14.41 20.99 13.65
N3 A1AF6 F . -14.47 21.40 14.95
C12 A1AF6 F . -13.15 20.72 12.90
C16 A1AF6 F . -11.99 21.41 13.61
N5 A1AF6 F . -10.74 21.11 12.89
C15 A1AF6 F . -10.79 21.64 11.52
C14 A1AF6 F . -11.95 21.04 10.73
C13 A1AF6 F . -13.26 21.21 11.47
C17 A1AF6 F . -9.62 21.73 13.62
C18 A1AF6 F . -8.28 21.20 13.11
C19 A1AF6 F . -7.13 21.40 14.08
C24 A1AF6 F . -5.82 21.11 13.34
C23 A1AF6 F . -4.62 21.21 14.27
C22 A1AF6 F . -4.78 20.31 15.48
C21 A1AF6 F . -6.07 20.61 16.22
C20 A1AF6 F . -7.26 20.46 15.29
#